data_4RNC
#
_entry.id   4RNC
#
_cell.length_a   212.926
_cell.length_b   45.383
_cell.length_c   77.443
_cell.angle_alpha   90.000
_cell.angle_beta   105.820
_cell.angle_gamma   90.000
#
_symmetry.space_group_name_H-M   'C 1 2 1'
#
loop_
_entity.id
_entity.type
_entity.pdbx_description
1 polymer Esterase
2 non-polymer 'PHOSPHATE ION'
3 water water
#
_entity_poly.entity_id   1
_entity_poly.type   'polypeptide(L)'
_entity_poly.pdbx_seq_one_letter_code
;MGSSHHHHHHSSGLVPRGSHMMSIREAVSVDGTSIVYRVTGNSAGTPLVLLHGWAQSSQCWGEQVLADLAADYRLIAVDL
RGHGYSDAPESGYDDSANWAGDVAAVLAAEGVTENAILLGWSYGGLVICDYLAAHGTGAVAGAVLVGAITSIGRGEKGGK
VGSAMRSAVPGAMSEDPREAIRALGAFGNALTGPPEGKGAASQALFGYSLSTRPRVRAALFNRAVGHDELLRNLDIPVLV
LHGTDDSVVDVSAGKHAEELIPKSQASYWVGCNHGPFVEDPTRFVSEVRTFISSLGKLAGAALEHHHHHH
;
_entity_poly.pdbx_strand_id   A,B,C
#
# COMPACT_ATOMS: atom_id res chain seq x y z
N MET A 22 -13.83 26.97 10.96
CA MET A 22 -12.47 26.34 10.79
C MET A 22 -12.57 24.82 10.82
N SER A 23 -12.15 24.22 9.74
CA SER A 23 -12.37 22.81 9.48
C SER A 23 -11.39 21.94 10.29
N ILE A 24 -10.10 22.27 10.29
CA ILE A 24 -9.09 21.45 10.95
C ILE A 24 -8.98 21.85 12.42
N ARG A 25 -8.98 20.89 13.33
CA ARG A 25 -9.01 21.14 14.76
C ARG A 25 -8.19 20.11 15.51
N GLU A 26 -8.14 20.27 16.83
CA GLU A 26 -7.46 19.28 17.67
C GLU A 26 -8.11 19.18 19.04
N ALA A 27 -7.99 17.99 19.62
CA ALA A 27 -8.43 17.74 20.98
C ALA A 27 -7.34 17.00 21.73
N VAL A 28 -7.37 17.18 23.04
CA VAL A 28 -6.31 16.69 23.90
C VAL A 28 -6.83 15.45 24.60
N SER A 29 -6.22 14.29 24.38
CA SER A 29 -6.66 13.07 25.06
C SER A 29 -6.13 13.01 26.53
N VAL A 30 -6.44 11.90 27.17
CA VAL A 30 -6.31 11.69 28.59
C VAL A 30 -4.85 11.64 29.01
N ASP A 31 -3.94 11.31 28.09
CA ASP A 31 -2.49 11.28 28.40
C ASP A 31 -1.74 12.54 27.97
N GLY A 32 -2.53 13.53 27.57
CA GLY A 32 -2.05 14.78 26.92
C GLY A 32 -1.77 14.74 25.42
N THR A 33 -1.96 13.63 24.75
CA THR A 33 -1.80 13.56 23.30
C THR A 33 -2.83 14.43 22.53
N SER A 34 -2.35 15.35 21.68
CA SER A 34 -3.19 16.05 20.69
C SER A 34 -3.61 15.17 19.51
N ILE A 35 -4.89 15.18 19.28
CA ILE A 35 -5.50 14.36 18.27
C ILE A 35 -6.11 15.35 17.28
N VAL A 36 -5.58 15.35 16.07
CA VAL A 36 -6.02 16.22 14.99
C VAL A 36 -7.15 15.55 14.27
N TYR A 37 -8.13 16.34 13.89
CA TYR A 37 -9.26 15.86 13.11
C TYR A 37 -9.84 16.97 12.22
N ARG A 38 -10.63 16.57 11.24
CA ARG A 38 -11.26 17.51 10.28
C ARG A 38 -12.74 17.43 10.39
N VAL A 39 -13.43 18.57 10.56
CA VAL A 39 -14.91 18.58 10.63
C VAL A 39 -15.44 19.23 9.34
N THR A 40 -16.31 18.53 8.65
CA THR A 40 -16.94 19.07 7.47
C THR A 40 -18.43 18.77 7.56
N GLY A 41 -19.16 19.27 6.58
CA GLY A 41 -20.54 18.88 6.37
C GLY A 41 -21.49 19.79 7.11
N ASN A 42 -22.65 19.23 7.39
CA ASN A 42 -23.73 19.89 8.02
C ASN A 42 -23.67 19.82 9.54
N SER A 43 -23.41 20.96 10.15
CA SER A 43 -23.50 21.18 11.62
C SER A 43 -24.70 20.58 12.33
N ALA A 44 -25.85 20.58 11.67
CA ALA A 44 -27.09 20.06 12.25
C ALA A 44 -27.25 18.53 12.12
N GLY A 45 -26.46 17.88 11.27
CA GLY A 45 -26.69 16.49 10.92
C GLY A 45 -26.16 15.48 11.94
N THR A 46 -26.47 14.22 11.72
CA THR A 46 -25.94 13.19 12.59
C THR A 46 -24.42 13.15 12.51
N PRO A 47 -23.73 13.13 13.65
CA PRO A 47 -22.27 13.01 13.64
C PRO A 47 -21.80 11.68 13.10
N LEU A 48 -20.91 11.70 12.12
CA LEU A 48 -20.27 10.49 11.63
C LEU A 48 -18.74 10.63 11.80
N VAL A 49 -18.17 9.81 12.68
CA VAL A 49 -16.76 9.87 13.05
C VAL A 49 -16.10 8.80 12.27
N LEU A 50 -15.09 9.19 11.49
CA LEU A 50 -14.32 8.25 10.70
C LEU A 50 -12.99 7.94 11.36
N LEU A 51 -12.75 6.65 11.62
CA LEU A 51 -11.46 6.16 12.19
C LEU A 51 -10.77 5.21 11.24
N HIS A 52 -9.58 5.61 10.82
CA HIS A 52 -8.92 4.91 9.76
C HIS A 52 -8.10 3.77 10.33
N GLY A 53 -7.34 3.13 9.46
CA GLY A 53 -6.62 1.93 9.75
C GLY A 53 -5.13 2.14 9.96
N TRP A 54 -4.44 1.03 10.19
CA TRP A 54 -3.04 1.05 10.53
C TRP A 54 -2.25 1.76 9.43
N ALA A 55 -1.39 2.69 9.84
CA ALA A 55 -0.46 3.37 8.96
C ALA A 55 -1.18 4.17 7.86
N GLN A 56 -2.38 4.66 8.16
CA GLN A 56 -3.11 5.54 7.22
C GLN A 56 -3.41 6.87 7.89
N SER A 57 -4.44 7.55 7.40
CA SER A 57 -4.79 8.86 7.89
C SER A 57 -6.19 9.15 7.56
N SER A 58 -6.62 10.32 8.05
CA SER A 58 -7.95 10.90 7.73
C SER A 58 -8.15 11.23 6.26
N GLN A 59 -7.07 11.20 5.48
CA GLN A 59 -7.14 11.40 4.03
C GLN A 59 -7.35 10.13 3.21
N CYS A 60 -7.44 8.96 3.84
CA CYS A 60 -7.51 7.70 3.11
C CYS A 60 -8.83 7.53 2.40
N TRP A 61 -9.89 8.21 2.89
CA TRP A 61 -11.23 7.83 2.51
C TRP A 61 -11.55 8.08 1.04
N GLY A 62 -10.88 9.06 0.45
CA GLY A 62 -11.18 9.51 -0.94
C GLY A 62 -12.00 10.78 -0.99
N GLU A 63 -11.69 11.66 -1.91
CA GLU A 63 -12.41 12.94 -1.97
C GLU A 63 -13.92 12.76 -2.24
N GLN A 64 -14.27 11.83 -3.11
CA GLN A 64 -15.67 11.65 -3.47
C GLN A 64 -16.51 11.12 -2.28
N VAL A 65 -15.99 10.09 -1.62
CA VAL A 65 -16.57 9.55 -0.39
C VAL A 65 -16.73 10.65 0.69
N LEU A 66 -15.70 11.46 0.90
CA LEU A 66 -15.78 12.50 1.91
C LEU A 66 -16.83 13.60 1.54
N ALA A 67 -16.79 14.02 0.28
CA ALA A 67 -17.80 14.96 -0.23
C ALA A 67 -19.21 14.45 -0.11
N ASP A 68 -19.42 13.20 -0.47
CA ASP A 68 -20.76 12.66 -0.43
C ASP A 68 -21.31 12.48 0.98
N LEU A 69 -20.48 11.93 1.89
CA LEU A 69 -20.89 11.76 3.30
C LEU A 69 -21.15 13.11 4.02
N ALA A 70 -20.36 14.12 3.72
CA ALA A 70 -20.54 15.44 4.31
C ALA A 70 -21.83 16.17 3.89
N ALA A 71 -22.50 15.72 2.85
CA ALA A 71 -23.82 16.28 2.49
C ALA A 71 -24.81 16.20 3.63
N ASP A 72 -24.95 15.02 4.22
CA ASP A 72 -25.94 14.85 5.29
C ASP A 72 -25.44 14.81 6.71
N TYR A 73 -24.13 14.59 6.90
CA TYR A 73 -23.61 14.27 8.23
C TYR A 73 -22.70 15.36 8.73
N ARG A 74 -22.58 15.45 10.04
CA ARG A 74 -21.51 16.25 10.61
C ARG A 74 -20.26 15.31 10.62
N LEU A 75 -19.45 15.48 9.60
CA LEU A 75 -18.40 14.52 9.32
C LEU A 75 -17.15 14.90 10.09
N ILE A 76 -16.65 13.94 10.87
CA ILE A 76 -15.49 14.14 11.75
C ILE A 76 -14.43 13.07 11.41
N ALA A 77 -13.41 13.50 10.69
CA ALA A 77 -12.41 12.56 10.19
C ALA A 77 -11.17 12.69 11.05
N VAL A 78 -10.91 11.64 11.84
CA VAL A 78 -9.86 11.68 12.84
C VAL A 78 -8.53 11.10 12.34
N ASP A 79 -7.44 11.75 12.77
CA ASP A 79 -6.09 11.20 12.63
C ASP A 79 -5.80 10.47 13.96
N LEU A 80 -5.68 9.15 13.91
CA LEU A 80 -5.32 8.34 15.09
C LEU A 80 -4.00 8.84 15.68
N ARG A 81 -3.84 8.65 16.98
CA ARG A 81 -2.56 8.97 17.65
C ARG A 81 -1.42 8.32 16.91
N GLY A 82 -0.35 9.09 16.68
CA GLY A 82 0.80 8.59 15.95
C GLY A 82 0.68 8.59 14.44
N HIS A 83 -0.48 8.99 13.97
CA HIS A 83 -0.78 9.06 12.57
C HIS A 83 -1.10 10.46 12.12
N GLY A 84 -0.88 10.69 10.84
CA GLY A 84 -1.30 11.94 10.20
C GLY A 84 -0.60 13.09 10.88
N TYR A 85 -1.42 14.02 11.33
CA TYR A 85 -0.94 15.20 12.00
C TYR A 85 -1.14 15.13 13.49
N SER A 86 -1.61 14.01 14.01
CA SER A 86 -1.77 13.86 15.44
C SER A 86 -0.42 13.71 16.15
N ASP A 87 -0.37 14.05 17.44
CA ASP A 87 0.84 13.77 18.21
C ASP A 87 1.22 12.26 18.15
N ALA A 88 2.50 12.00 18.33
CA ALA A 88 3.06 10.64 18.35
C ALA A 88 3.84 10.39 19.58
N PRO A 89 3.15 10.12 20.67
CA PRO A 89 3.89 9.85 21.89
C PRO A 89 4.79 8.65 21.74
N GLU A 90 5.70 8.54 22.69
CA GLU A 90 6.71 7.49 22.65
C GLU A 90 6.09 6.18 23.08
N SER A 91 5.16 6.19 24.01
CA SER A 91 4.54 4.93 24.38
C SER A 91 3.03 5.06 24.60
N GLY A 92 2.40 3.96 25.01
CA GLY A 92 0.98 3.96 25.29
C GLY A 92 0.04 3.42 24.22
N TYR A 93 0.60 2.90 23.12
CA TYR A 93 -0.25 2.39 22.04
C TYR A 93 -0.90 1.05 22.37
N ASP A 94 -0.47 0.43 23.47
CA ASP A 94 -1.04 -0.83 23.90
C ASP A 94 -2.05 -0.60 25.02
N ASP A 95 -2.33 0.65 25.38
CA ASP A 95 -3.25 0.95 26.44
C ASP A 95 -4.61 1.35 25.88
N SER A 96 -5.60 0.50 26.10
CA SER A 96 -6.97 0.71 25.57
C SER A 96 -7.57 2.00 26.01
N ALA A 97 -7.19 2.44 27.21
CA ALA A 97 -7.67 3.67 27.74
C ALA A 97 -7.21 4.93 27.01
N ASN A 98 -6.01 4.90 26.42
CA ASN A 98 -5.57 6.02 25.58
C ASN A 98 -6.44 6.12 24.32
N TRP A 99 -6.62 5.00 23.62
CA TRP A 99 -7.51 4.97 22.44
C TRP A 99 -8.94 5.41 22.72
N ALA A 100 -9.51 4.90 23.79
CA ALA A 100 -10.78 5.35 24.28
C ALA A 100 -10.80 6.84 24.52
N GLY A 101 -9.77 7.36 25.22
CA GLY A 101 -9.76 8.76 25.53
C GLY A 101 -9.67 9.64 24.31
N ASP A 102 -9.01 9.15 23.24
CA ASP A 102 -8.93 9.88 21.96
C ASP A 102 -10.34 10.08 21.39
N VAL A 103 -11.14 9.05 21.33
CA VAL A 103 -12.49 9.18 20.76
C VAL A 103 -13.36 10.06 21.70
N ALA A 104 -13.27 9.84 23.02
CA ALA A 104 -14.04 10.61 23.98
C ALA A 104 -13.71 12.05 23.85
N ALA A 105 -12.42 12.33 23.65
CA ALA A 105 -11.96 13.74 23.57
C ALA A 105 -12.42 14.48 22.32
N VAL A 106 -12.48 13.77 21.19
CA VAL A 106 -12.99 14.32 19.99
C VAL A 106 -14.49 14.62 20.10
N LEU A 107 -15.22 13.61 20.52
CA LEU A 107 -16.65 13.78 20.81
C LEU A 107 -16.99 14.94 21.73
N ALA A 108 -16.27 15.07 22.84
CA ALA A 108 -16.47 16.17 23.76
C ALA A 108 -16.15 17.52 23.12
N ALA A 109 -15.03 17.64 22.42
CA ALA A 109 -14.63 18.91 21.80
C ALA A 109 -15.69 19.41 20.80
N GLU A 110 -16.38 18.48 20.15
CA GLU A 110 -17.49 18.77 19.24
C GLU A 110 -18.89 18.86 19.91
N GLY A 111 -18.87 18.79 21.23
CA GLY A 111 -20.12 18.73 21.96
C GLY A 111 -21.02 17.56 21.62
N VAL A 112 -20.46 16.41 21.25
CA VAL A 112 -21.30 15.26 20.91
C VAL A 112 -21.52 14.34 22.13
N THR A 113 -22.77 14.27 22.59
CA THR A 113 -23.14 13.44 23.71
C THR A 113 -24.16 12.38 23.41
N GLU A 114 -24.70 12.39 22.18
CA GLU A 114 -25.59 11.33 21.75
C GLU A 114 -25.67 11.21 20.24
N ASN A 115 -26.17 10.07 19.81
CA ASN A 115 -26.53 9.84 18.42
C ASN A 115 -25.39 9.70 17.39
N ALA A 116 -24.15 9.61 17.85
CA ALA A 116 -23.03 9.53 16.91
C ALA A 116 -23.00 8.20 16.21
N ILE A 117 -22.49 8.20 14.99
CA ILE A 117 -22.17 7.02 14.29
C ILE A 117 -20.65 6.87 14.20
N LEU A 118 -20.12 5.75 14.66
CA LEU A 118 -18.69 5.55 14.62
C LEU A 118 -18.38 4.58 13.50
N LEU A 119 -17.48 4.97 12.61
CA LEU A 119 -17.07 4.13 11.51
C LEU A 119 -15.58 3.90 11.57
N GLY A 120 -15.21 2.63 11.50
CA GLY A 120 -13.84 2.21 11.64
C GLY A 120 -13.39 1.25 10.58
N TRP A 121 -12.30 1.61 9.93
CA TRP A 121 -11.63 0.76 8.96
C TRP A 121 -10.43 0.04 9.54
N SER A 122 -10.40 -1.30 9.43
CA SER A 122 -9.35 -2.10 10.02
C SER A 122 -9.13 -1.81 11.50
N TYR A 123 -7.95 -1.29 11.84
CA TYR A 123 -7.60 -0.89 13.22
C TYR A 123 -8.60 0.10 13.84
N GLY A 124 -9.24 0.91 13.00
CA GLY A 124 -10.32 1.78 13.47
C GLY A 124 -11.40 1.03 14.18
N GLY A 125 -11.60 -0.23 13.82
CA GLY A 125 -12.65 -1.02 14.52
C GLY A 125 -12.22 -1.26 15.95
N LEU A 126 -10.96 -1.58 16.14
CA LEU A 126 -10.46 -1.78 17.48
C LEU A 126 -10.50 -0.52 18.35
N VAL A 127 -10.21 0.64 17.76
CA VAL A 127 -10.36 1.94 18.44
C VAL A 127 -11.76 2.16 18.96
N ILE A 128 -12.72 1.92 18.07
CA ILE A 128 -14.13 1.98 18.47
C ILE A 128 -14.41 1.03 19.66
N CYS A 129 -13.96 -0.20 19.57
CA CYS A 129 -14.21 -1.18 20.63
C CYS A 129 -13.52 -0.74 21.94
N ASP A 130 -12.27 -0.26 21.87
CA ASP A 130 -11.65 0.29 23.11
C ASP A 130 -12.52 1.40 23.71
N TYR A 131 -13.05 2.25 22.87
CA TYR A 131 -13.89 3.37 23.31
C TYR A 131 -15.22 2.88 23.93
N LEU A 132 -15.89 1.99 23.22
CA LEU A 132 -17.18 1.46 23.71
C LEU A 132 -16.97 0.64 25.00
N ALA A 133 -15.85 -0.03 25.08
CA ALA A 133 -15.50 -0.82 26.31
C ALA A 133 -15.33 0.15 27.52
N ALA A 134 -14.81 1.32 27.24
CA ALA A 134 -14.54 2.29 28.28
C ALA A 134 -15.69 3.24 28.69
N HIS A 135 -16.66 3.46 27.79
CA HIS A 135 -17.68 4.47 27.97
C HIS A 135 -19.08 3.98 27.73
N GLY A 136 -19.22 2.75 27.28
CA GLY A 136 -20.47 2.28 26.79
C GLY A 136 -21.01 3.05 25.59
N THR A 137 -22.31 2.85 25.35
CA THR A 137 -22.98 3.30 24.13
C THR A 137 -23.87 4.50 24.28
N GLY A 138 -23.84 5.13 25.44
CA GLY A 138 -24.56 6.37 25.66
C GLY A 138 -24.48 7.44 24.59
N ALA A 139 -23.28 7.70 24.08
CA ALA A 139 -23.11 8.76 23.07
C ALA A 139 -23.32 8.32 21.61
N VAL A 140 -23.66 7.05 21.39
CA VAL A 140 -23.57 6.39 20.09
C VAL A 140 -24.88 5.69 19.67
N ALA A 141 -25.33 5.95 18.44
CA ALA A 141 -26.54 5.27 17.89
C ALA A 141 -26.23 4.08 17.01
N GLY A 142 -25.01 4.00 16.50
CA GLY A 142 -24.66 2.96 15.58
C GLY A 142 -23.18 2.98 15.25
N ALA A 143 -22.70 1.90 14.68
CA ALA A 143 -21.32 1.79 14.29
C ALA A 143 -21.22 1.00 12.98
N VAL A 144 -20.17 1.29 12.21
CA VAL A 144 -19.89 0.57 10.97
C VAL A 144 -18.47 0.03 11.01
N LEU A 145 -18.32 -1.27 10.81
CA LEU A 145 -17.01 -1.94 10.87
C LEU A 145 -16.61 -2.34 9.48
N VAL A 146 -15.66 -1.61 8.91
CA VAL A 146 -15.26 -1.81 7.51
C VAL A 146 -13.90 -2.54 7.48
N GLY A 147 -13.92 -3.79 7.02
CA GLY A 147 -12.75 -4.65 7.01
C GLY A 147 -11.96 -4.61 8.32
N ALA A 148 -12.73 -4.65 9.42
CA ALA A 148 -12.25 -4.22 10.73
C ALA A 148 -11.74 -5.39 11.56
N ILE A 149 -10.76 -5.14 12.41
CA ILE A 149 -10.52 -6.03 13.55
C ILE A 149 -11.24 -5.43 14.73
N THR A 150 -11.66 -6.28 15.68
CA THR A 150 -12.25 -5.82 16.94
C THR A 150 -11.44 -6.26 18.20
N SER A 151 -10.42 -7.05 17.96
CA SER A 151 -9.55 -7.65 18.99
C SER A 151 -8.17 -7.87 18.33
N ILE A 152 -7.15 -8.12 19.17
CA ILE A 152 -5.84 -8.49 18.71
C ILE A 152 -5.25 -9.47 19.73
N GLY A 153 -4.55 -10.49 19.21
CA GLY A 153 -3.97 -11.50 20.06
C GLY A 153 -4.27 -12.89 19.59
N ARG A 154 -3.49 -13.82 20.15
CA ARG A 154 -3.70 -15.21 19.91
C ARG A 154 -5.11 -15.65 20.18
N GLY A 155 -5.66 -16.39 19.23
CA GLY A 155 -6.98 -16.96 19.37
C GLY A 155 -8.10 -15.95 19.17
N GLU A 156 -7.79 -14.68 18.90
CA GLU A 156 -8.85 -13.68 18.72
C GLU A 156 -9.43 -13.76 17.33
N LYS A 157 -10.64 -14.32 17.25
CA LYS A 157 -11.29 -14.46 15.95
C LYS A 157 -11.62 -13.06 15.35
N GLY A 158 -11.76 -12.07 16.21
CA GLY A 158 -12.02 -10.71 15.78
C GLY A 158 -10.79 -10.01 15.29
N GLY A 159 -9.63 -10.66 15.39
CA GLY A 159 -8.37 -10.07 15.06
C GLY A 159 -7.69 -10.80 13.92
N LYS A 160 -8.42 -11.63 13.19
CA LYS A 160 -7.78 -12.52 12.19
C LYS A 160 -7.32 -11.73 10.93
N VAL A 161 -6.00 -11.68 10.79
CA VAL A 161 -5.29 -11.03 9.70
C VAL A 161 -5.20 -11.95 8.49
N GLY A 162 -5.09 -11.42 7.27
CA GLY A 162 -4.90 -12.23 6.06
C GLY A 162 -3.45 -12.40 5.65
N SER A 163 -3.20 -13.13 4.55
CA SER A 163 -1.80 -13.51 4.15
C SER A 163 -0.92 -12.33 3.79
N ALA A 164 -1.52 -11.32 3.19
CA ALA A 164 -0.76 -10.15 2.78
C ALA A 164 -0.17 -9.48 4.02
N MET A 165 -0.98 -9.35 5.04
CA MET A 165 -0.50 -8.67 6.23
C MET A 165 0.58 -9.50 6.93
N ARG A 166 0.43 -10.82 6.90
CA ARG A 166 1.48 -11.73 7.45
C ARG A 166 2.86 -11.64 6.71
N SER A 167 2.85 -11.47 5.37
CA SER A 167 4.12 -11.21 4.64
C SER A 167 4.65 -9.80 4.89
N ALA A 168 3.75 -8.83 5.04
CA ALA A 168 4.17 -7.44 5.20
C ALA A 168 4.84 -7.08 6.54
N VAL A 169 4.52 -7.86 7.58
CA VAL A 169 5.03 -7.64 8.95
C VAL A 169 6.04 -8.70 9.35
N PRO A 170 7.18 -8.29 9.95
CA PRO A 170 7.53 -6.98 10.51
C PRO A 170 8.36 -6.07 9.59
N GLY A 171 8.58 -6.47 8.33
CA GLY A 171 9.41 -5.68 7.41
C GLY A 171 8.81 -4.29 7.22
N ALA A 172 7.49 -4.19 7.20
CA ALA A 172 6.80 -2.91 7.03
C ALA A 172 6.97 -2.00 8.24
N MET A 173 7.50 -2.52 9.33
CA MET A 173 7.80 -1.72 10.49
C MET A 173 9.21 -1.18 10.54
N SER A 174 10.06 -1.52 9.60
CA SER A 174 11.42 -1.11 9.70
C SER A 174 11.61 0.37 9.29
N GLU A 175 12.61 0.99 9.88
CA GLU A 175 13.06 2.33 9.44
C GLU A 175 13.91 2.23 8.18
N ASP A 176 14.38 1.02 7.87
CA ASP A 176 15.17 0.79 6.66
C ASP A 176 14.28 0.86 5.41
N PRO A 177 14.46 1.91 4.57
CA PRO A 177 13.55 2.09 3.43
C PRO A 177 13.49 0.93 2.52
N ARG A 178 14.63 0.31 2.27
CA ARG A 178 14.66 -0.83 1.41
C ARG A 178 13.68 -1.90 1.91
N GLU A 179 13.69 -2.18 3.20
CA GLU A 179 12.85 -3.25 3.77
C GLU A 179 11.37 -2.79 3.82
N ALA A 180 11.14 -1.56 4.25
CA ALA A 180 9.80 -1.04 4.40
C ALA A 180 9.10 -0.90 3.04
N ILE A 181 9.80 -0.44 2.03
CA ILE A 181 9.27 -0.39 0.65
C ILE A 181 8.97 -1.82 0.12
N ARG A 182 9.92 -2.72 0.24
CA ARG A 182 9.71 -4.13 -0.12
C ARG A 182 8.49 -4.69 0.63
N ALA A 183 8.47 -4.58 1.97
CA ALA A 183 7.42 -5.19 2.73
C ALA A 183 6.08 -4.62 2.36
N LEU A 184 5.96 -3.30 2.24
CA LEU A 184 4.68 -2.69 2.00
C LEU A 184 4.15 -3.12 0.59
N GLY A 185 5.04 -3.43 -0.35
CA GLY A 185 4.60 -4.00 -1.64
C GLY A 185 4.00 -5.38 -1.53
N ALA A 186 4.32 -6.14 -0.50
CA ALA A 186 3.55 -7.38 -0.19
C ALA A 186 2.03 -7.13 -0.14
N PHE A 187 1.60 -5.88 0.11
CA PHE A 187 0.16 -5.57 0.09
C PHE A 187 -0.41 -5.69 -1.35
N GLY A 188 0.45 -5.50 -2.35
CA GLY A 188 -0.04 -5.42 -3.74
C GLY A 188 -1.09 -4.32 -3.79
N ASN A 189 -2.19 -4.67 -4.42
CA ASN A 189 -3.27 -3.78 -4.67
C ASN A 189 -4.43 -3.99 -3.68
N ALA A 190 -4.13 -4.55 -2.51
CA ALA A 190 -5.17 -4.97 -1.57
C ALA A 190 -5.99 -3.79 -1.10
N LEU A 191 -5.35 -2.62 -0.96
CA LEU A 191 -6.02 -1.40 -0.48
C LEU A 191 -6.94 -0.73 -1.49
N THR A 192 -6.62 -0.88 -2.77
CA THR A 192 -7.35 -0.24 -3.83
C THR A 192 -8.24 -1.16 -4.59
N GLY A 193 -7.94 -2.45 -4.57
CA GLY A 193 -8.49 -3.35 -5.57
C GLY A 193 -7.87 -3.03 -6.93
N PRO A 194 -8.47 -3.56 -8.02
CA PRO A 194 -8.00 -3.28 -9.37
C PRO A 194 -7.63 -1.82 -9.50
N PRO A 195 -6.35 -1.52 -9.79
CA PRO A 195 -5.89 -0.15 -9.64
C PRO A 195 -6.08 0.76 -10.83
N GLU A 196 -6.61 0.25 -11.92
CA GLU A 196 -6.73 1.05 -13.17
C GLU A 196 -7.69 2.26 -12.98
N GLY A 197 -7.23 3.44 -13.35
CA GLY A 197 -8.07 4.63 -13.12
C GLY A 197 -8.04 5.15 -11.67
N LYS A 198 -7.26 4.50 -10.80
CA LYS A 198 -7.18 4.87 -9.39
C LYS A 198 -5.71 5.02 -8.93
N GLY A 199 -4.85 5.42 -9.87
CA GLY A 199 -3.43 5.50 -9.58
C GLY A 199 -3.11 6.55 -8.52
N ALA A 200 -3.81 7.70 -8.56
CA ALA A 200 -3.53 8.71 -7.54
C ALA A 200 -3.79 8.17 -6.18
N ALA A 201 -4.90 7.43 -6.02
CA ALA A 201 -5.24 6.91 -4.70
C ALA A 201 -4.29 5.81 -4.24
N SER A 202 -3.92 4.90 -5.15
CA SER A 202 -2.92 3.90 -4.88
C SER A 202 -1.58 4.52 -4.39
N GLN A 203 -1.16 5.61 -5.02
CA GLN A 203 0.05 6.35 -4.60
C GLN A 203 -0.12 6.94 -3.23
N ALA A 204 -1.27 7.59 -3.01
CA ALA A 204 -1.53 8.27 -1.74
C ALA A 204 -1.57 7.29 -0.58
N LEU A 205 -2.19 6.12 -0.77
CA LEU A 205 -2.27 5.15 0.33
C LEU A 205 -0.92 4.56 0.70
N PHE A 206 -0.06 4.40 -0.29
CA PHE A 206 1.31 3.87 -0.05
C PHE A 206 2.10 4.94 0.67
N GLY A 207 1.93 6.17 0.20
CA GLY A 207 2.48 7.36 0.84
C GLY A 207 2.15 7.55 2.32
N TYR A 208 0.87 7.49 2.70
CA TYR A 208 0.50 7.63 4.13
C TYR A 208 1.16 6.60 4.98
N SER A 209 1.33 5.39 4.44
CA SER A 209 1.94 4.33 5.23
C SER A 209 3.45 4.61 5.41
N LEU A 210 4.12 5.08 4.35
CA LEU A 210 5.49 5.50 4.42
C LEU A 210 5.73 6.68 5.39
N SER A 211 4.81 7.62 5.51
CA SER A 211 5.06 8.76 6.36
C SER A 211 4.51 8.53 7.74
N THR A 212 3.95 7.36 8.00
CA THR A 212 3.64 7.00 9.34
C THR A 212 4.97 6.56 10.02
N ARG A 213 5.33 7.19 11.13
CA ARG A 213 6.55 6.82 11.82
C ARG A 213 6.65 5.32 12.00
N PRO A 214 7.79 4.72 11.58
CA PRO A 214 7.96 3.26 11.75
C PRO A 214 7.71 2.74 13.17
N ARG A 215 8.18 3.50 14.15
CA ARG A 215 8.01 3.06 15.56
C ARG A 215 6.50 3.00 15.88
N VAL A 216 5.70 3.87 15.25
CA VAL A 216 4.25 3.82 15.45
C VAL A 216 3.67 2.60 14.78
N ARG A 217 4.04 2.38 13.54
CA ARG A 217 3.65 1.15 12.82
C ARG A 217 3.85 -0.11 13.64
N ALA A 218 5.00 -0.22 14.32
CA ALA A 218 5.27 -1.38 15.18
C ALA A 218 4.44 -1.36 16.47
N ALA A 219 4.32 -0.21 17.10
CA ALA A 219 3.70 -0.15 18.43
C ALA A 219 2.25 -0.56 18.36
N LEU A 220 1.62 -0.26 17.24
CA LEU A 220 0.20 -0.58 17.12
C LEU A 220 -0.10 -2.04 17.26
N PHE A 221 0.80 -2.94 16.80
CA PHE A 221 0.53 -4.36 16.93
C PHE A 221 1.27 -5.07 18.05
N ASN A 222 2.01 -4.34 18.82
CA ASN A 222 2.68 -4.90 19.96
C ASN A 222 1.78 -4.76 21.16
N ARG A 223 0.68 -5.49 21.15
CA ARG A 223 -0.35 -5.40 22.14
C ARG A 223 -1.28 -6.59 22.01
N ALA A 224 -2.14 -6.77 23.01
CA ALA A 224 -3.19 -7.75 22.98
C ALA A 224 -4.40 -7.16 23.72
N VAL A 225 -5.58 -7.38 23.15
CA VAL A 225 -6.84 -7.07 23.84
C VAL A 225 -8.00 -7.84 23.19
N GLY A 226 -8.89 -8.37 24.03
CA GLY A 226 -10.00 -9.18 23.53
C GLY A 226 -11.29 -8.45 23.88
N HIS A 227 -12.21 -8.31 22.91
CA HIS A 227 -13.39 -7.54 23.07
C HIS A 227 -14.68 -8.34 22.73
N ASP A 228 -14.62 -9.67 22.65
CA ASP A 228 -15.80 -10.46 22.32
C ASP A 228 -16.94 -10.20 23.31
N GLU A 229 -16.63 -10.07 24.60
CA GLU A 229 -17.68 -9.81 25.59
C GLU A 229 -18.39 -8.48 25.35
N LEU A 230 -17.65 -7.49 24.84
CA LEU A 230 -18.29 -6.26 24.49
C LEU A 230 -19.27 -6.44 23.30
N LEU A 231 -18.76 -7.03 22.20
CA LEU A 231 -19.56 -7.36 21.00
C LEU A 231 -20.89 -8.07 21.34
N ARG A 232 -20.84 -9.11 22.15
CA ARG A 232 -22.06 -9.80 22.50
C ARG A 232 -23.04 -8.95 23.30
N ASN A 233 -22.55 -7.89 23.95
CA ASN A 233 -23.41 -7.03 24.77
C ASN A 233 -23.70 -5.60 24.20
N LEU A 234 -23.32 -5.31 22.95
CA LEU A 234 -23.64 -4.00 22.39
C LEU A 234 -25.14 -3.87 22.21
N ASP A 235 -25.71 -2.76 22.59
CA ASP A 235 -27.14 -2.56 22.33
C ASP A 235 -27.44 -1.66 21.12
N ILE A 236 -26.43 -1.47 20.26
CA ILE A 236 -26.58 -0.64 19.08
C ILE A 236 -26.48 -1.44 17.83
N PRO A 237 -27.17 -0.97 16.77
CA PRO A 237 -26.98 -1.57 15.51
C PRO A 237 -25.55 -1.35 15.02
N VAL A 238 -25.01 -2.38 14.42
CA VAL A 238 -23.71 -2.33 13.78
C VAL A 238 -23.68 -2.98 12.40
N LEU A 239 -23.21 -2.24 11.40
CA LEU A 239 -23.05 -2.79 10.06
C LEU A 239 -21.64 -3.27 9.89
N VAL A 240 -21.54 -4.52 9.52
CA VAL A 240 -20.29 -5.15 9.12
C VAL A 240 -20.18 -5.10 7.62
N LEU A 241 -19.22 -4.32 7.13
CA LEU A 241 -19.05 -4.19 5.69
C LEU A 241 -17.65 -4.72 5.34
N HIS A 242 -17.54 -5.78 4.58
CA HIS A 242 -16.26 -6.47 4.50
C HIS A 242 -16.10 -7.19 3.14
N GLY A 243 -14.94 -7.03 2.50
CA GLY A 243 -14.64 -7.69 1.22
C GLY A 243 -14.45 -9.16 1.43
N THR A 244 -15.08 -10.00 0.59
CA THR A 244 -14.87 -11.44 0.70
C THR A 244 -13.46 -11.80 0.37
N ASP A 245 -12.71 -10.95 -0.36
CA ASP A 245 -11.33 -11.32 -0.73
C ASP A 245 -10.29 -10.44 0.01
N ASP A 246 -10.65 -9.96 1.18
CA ASP A 246 -9.76 -9.08 1.94
C ASP A 246 -8.57 -9.95 2.35
N SER A 247 -7.40 -9.65 1.80
CA SER A 247 -6.15 -10.24 2.23
C SER A 247 -5.39 -9.54 3.39
N VAL A 248 -5.98 -8.49 3.94
CA VAL A 248 -5.41 -7.75 5.02
C VAL A 248 -6.09 -8.11 6.34
N VAL A 249 -7.40 -8.02 6.37
CA VAL A 249 -8.15 -8.53 7.48
C VAL A 249 -9.07 -9.62 6.95
N ASP A 250 -8.95 -10.83 7.44
CA ASP A 250 -9.75 -11.92 6.92
C ASP A 250 -11.23 -11.64 7.14
N VAL A 251 -12.04 -11.94 6.13
CA VAL A 251 -13.49 -11.75 6.21
C VAL A 251 -14.06 -12.56 7.37
N SER A 252 -13.39 -13.62 7.77
CA SER A 252 -13.80 -14.35 9.01
C SER A 252 -13.94 -13.44 10.26
N ALA A 253 -13.09 -12.40 10.35
CA ALA A 253 -13.21 -11.42 11.46
C ALA A 253 -14.54 -10.64 11.44
N GLY A 254 -14.97 -10.21 10.26
CA GLY A 254 -16.23 -9.54 10.11
C GLY A 254 -17.38 -10.49 10.40
N LYS A 255 -17.28 -11.69 9.88
CA LYS A 255 -18.31 -12.71 10.15
C LYS A 255 -18.44 -13.00 11.65
N HIS A 256 -17.30 -13.04 12.35
CA HIS A 256 -17.31 -13.16 13.81
C HIS A 256 -18.04 -12.01 14.47
N ALA A 257 -17.78 -10.78 14.02
CA ALA A 257 -18.46 -9.63 14.63
C ALA A 257 -19.97 -9.69 14.40
N GLU A 258 -20.33 -10.10 13.19
CA GLU A 258 -21.73 -10.25 12.80
C GLU A 258 -22.35 -11.30 13.69
N GLU A 259 -21.65 -12.43 13.86
CA GLU A 259 -22.20 -13.52 14.70
C GLU A 259 -22.42 -13.05 16.16
N LEU A 260 -21.46 -12.33 16.72
CA LEU A 260 -21.56 -11.98 18.15
C LEU A 260 -22.50 -10.78 18.44
N ILE A 261 -22.54 -9.78 17.56
CA ILE A 261 -23.28 -8.55 17.84
C ILE A 261 -24.79 -8.81 17.65
N PRO A 262 -25.60 -8.59 18.71
CA PRO A 262 -27.05 -8.84 18.68
C PRO A 262 -27.74 -8.08 17.55
N LYS A 263 -27.45 -6.80 17.34
CA LYS A 263 -28.15 -6.05 16.30
C LYS A 263 -27.29 -5.86 15.03
N SER A 264 -26.57 -6.90 14.65
CA SER A 264 -25.68 -6.81 13.49
C SER A 264 -26.45 -6.77 12.18
N GLN A 265 -25.91 -6.06 11.21
CA GLN A 265 -26.29 -6.21 9.79
C GLN A 265 -25.01 -6.42 9.05
N ALA A 266 -25.06 -7.11 7.92
CA ALA A 266 -23.86 -7.42 7.20
C ALA A 266 -23.99 -7.14 5.72
N SER A 267 -22.91 -6.64 5.12
CA SER A 267 -22.75 -6.56 3.71
C SER A 267 -21.37 -7.10 3.31
N TYR A 268 -21.37 -8.24 2.67
CA TYR A 268 -20.12 -8.86 2.27
C TYR A 268 -19.93 -8.58 0.76
N TRP A 269 -18.87 -7.86 0.37
CA TRP A 269 -18.69 -7.43 -1.01
C TRP A 269 -17.93 -8.49 -1.72
N VAL A 270 -18.62 -9.17 -2.63
CA VAL A 270 -18.04 -10.33 -3.32
C VAL A 270 -16.85 -9.87 -4.18
N GLY A 271 -15.66 -10.49 -3.99
CA GLY A 271 -14.52 -10.19 -4.81
C GLY A 271 -13.75 -8.93 -4.36
N CYS A 272 -14.31 -8.17 -3.42
CA CYS A 272 -13.64 -6.94 -2.87
C CYS A 272 -12.49 -7.29 -1.91
N ASN A 273 -11.42 -6.49 -1.95
CA ASN A 273 -10.32 -6.63 -1.01
C ASN A 273 -10.53 -5.72 0.21
N HIS A 274 -9.47 -5.12 0.74
CA HIS A 274 -9.55 -4.40 2.01
C HIS A 274 -10.06 -2.96 1.92
N GLY A 275 -10.21 -2.41 0.72
CA GLY A 275 -10.58 -1.00 0.55
C GLY A 275 -11.87 -0.77 -0.22
N PRO A 276 -13.04 -1.20 0.37
CA PRO A 276 -14.30 -1.08 -0.36
C PRO A 276 -14.61 0.35 -0.74
N PHE A 277 -14.25 1.29 0.12
CA PHE A 277 -14.51 2.70 -0.19
C PHE A 277 -13.71 3.22 -1.40
N VAL A 278 -12.60 2.55 -1.68
CA VAL A 278 -11.80 2.83 -2.89
C VAL A 278 -12.35 2.06 -4.11
N GLU A 279 -12.71 0.80 -3.91
CA GLU A 279 -13.10 -0.04 -5.03
C GLU A 279 -14.42 0.47 -5.59
N ASP A 280 -15.35 0.94 -4.73
CA ASP A 280 -16.69 1.31 -5.22
C ASP A 280 -17.25 2.39 -4.33
N PRO A 281 -16.78 3.61 -4.52
CA PRO A 281 -17.15 4.68 -3.62
C PRO A 281 -18.65 4.96 -3.64
N THR A 282 -19.31 4.77 -4.77
CA THR A 282 -20.77 4.94 -4.80
C THR A 282 -21.48 3.91 -3.98
N ARG A 283 -21.11 2.67 -4.11
CA ARG A 283 -21.76 1.63 -3.32
C ARG A 283 -21.49 1.82 -1.83
N PHE A 284 -20.25 2.16 -1.49
CA PHE A 284 -19.89 2.36 -0.09
C PHE A 284 -20.74 3.46 0.54
N VAL A 285 -20.85 4.60 -0.13
CA VAL A 285 -21.68 5.72 0.38
C VAL A 285 -23.12 5.30 0.50
N SER A 286 -23.58 4.56 -0.48
CA SER A 286 -24.96 4.14 -0.52
C SER A 286 -25.31 3.21 0.66
N GLU A 287 -24.45 2.24 0.89
CA GLU A 287 -24.64 1.32 2.00
C GLU A 287 -24.55 1.99 3.38
N VAL A 288 -23.63 2.93 3.55
CA VAL A 288 -23.54 3.68 4.81
C VAL A 288 -24.77 4.58 5.03
N ARG A 289 -25.21 5.31 4.01
CA ARG A 289 -26.42 6.16 4.15
C ARG A 289 -27.66 5.33 4.48
N THR A 290 -27.83 4.21 3.81
CA THR A 290 -28.99 3.35 4.05
C THR A 290 -28.92 2.86 5.49
N PHE A 291 -27.75 2.37 5.92
CA PHE A 291 -27.59 2.00 7.33
C PHE A 291 -27.99 3.07 8.32
N ILE A 292 -27.45 4.25 8.17
CA ILE A 292 -27.70 5.29 9.12
C ILE A 292 -29.17 5.70 9.11
N SER A 293 -29.77 5.81 7.92
CA SER A 293 -31.23 6.16 7.83
C SER A 293 -32.08 5.07 8.44
N SER A 294 -31.61 3.83 8.32
CA SER A 294 -32.31 2.69 8.95
C SER A 294 -32.52 2.80 10.47
N LEU A 295 -31.82 3.71 11.15
CA LEU A 295 -31.84 3.74 12.59
C LEU A 295 -33.05 4.57 13.12
N GLY A 296 -33.69 5.33 12.24
CA GLY A 296 -34.93 5.99 12.56
C GLY A 296 -36.18 5.10 12.43
N LYS A 297 -37.32 5.78 12.56
CA LYS A 297 -38.61 5.15 12.42
C LYS A 297 -39.14 5.12 10.98
N LEU A 298 -38.38 5.60 9.98
CA LEU A 298 -38.88 5.51 8.61
C LEU A 298 -39.12 4.06 8.12
N ALA A 299 -38.19 3.13 8.36
CA ALA A 299 -38.37 1.75 7.82
C ALA A 299 -39.75 1.20 8.27
N GLY A 300 -40.08 1.42 9.55
CA GLY A 300 -41.38 1.00 10.13
C GLY A 300 -42.55 1.51 9.31
N ALA A 301 -42.50 2.78 8.92
CA ALA A 301 -43.53 3.42 8.07
C ALA A 301 -43.75 2.78 6.65
N ALA A 302 -42.65 2.43 5.96
CA ALA A 302 -42.63 1.59 4.74
C ALA A 302 -42.05 0.18 5.02
N MET B 22 -5.33 26.08 20.04
CA MET B 22 -4.99 24.94 19.12
C MET B 22 -3.76 25.26 18.23
N SER B 23 -2.77 24.36 18.17
CA SER B 23 -1.63 24.55 17.25
C SER B 23 -1.99 24.50 15.73
N ILE B 24 -2.88 23.60 15.32
CA ILE B 24 -3.25 23.47 13.93
C ILE B 24 -4.40 24.42 13.58
N ARG B 25 -4.28 25.09 12.44
CA ARG B 25 -5.16 26.17 12.02
C ARG B 25 -5.27 26.26 10.49
N GLU B 26 -6.18 27.12 10.01
CA GLU B 26 -6.22 27.47 8.61
C GLU B 26 -6.54 28.93 8.35
N ALA B 27 -6.21 29.41 7.16
CA ALA B 27 -6.47 30.79 6.75
C ALA B 27 -7.04 30.67 5.33
N VAL B 28 -7.99 31.52 4.96
CA VAL B 28 -8.66 31.43 3.68
C VAL B 28 -7.97 32.39 2.70
N SER B 29 -7.42 31.88 1.59
CA SER B 29 -6.73 32.73 0.61
C SER B 29 -7.69 33.53 -0.34
N VAL B 30 -7.12 34.32 -1.24
CA VAL B 30 -7.89 35.25 -2.07
C VAL B 30 -8.87 34.53 -3.02
N ASP B 31 -8.58 33.30 -3.39
CA ASP B 31 -9.49 32.54 -4.26
C ASP B 31 -10.39 31.60 -3.44
N GLY B 32 -10.35 31.70 -2.12
CA GLY B 32 -11.16 30.87 -1.22
C GLY B 32 -10.48 29.59 -0.78
N THR B 33 -9.20 29.42 -1.11
CA THR B 33 -8.47 28.23 -0.79
C THR B 33 -8.07 28.22 0.70
N SER B 34 -8.38 27.16 1.43
CA SER B 34 -7.90 27.04 2.79
C SER B 34 -6.48 26.58 2.80
N ILE B 35 -5.66 27.30 3.57
CA ILE B 35 -4.26 27.01 3.75
C ILE B 35 -4.07 26.63 5.23
N VAL B 36 -3.67 25.38 5.45
CA VAL B 36 -3.51 24.84 6.80
C VAL B 36 -2.10 25.12 7.21
N TYR B 37 -1.91 25.38 8.49
CA TYR B 37 -0.64 25.67 9.02
C TYR B 37 -0.64 25.31 10.49
N ARG B 38 0.56 25.08 11.03
CA ARG B 38 0.76 24.79 12.43
C ARG B 38 1.58 25.86 13.15
N VAL B 39 1.07 26.35 14.27
CA VAL B 39 1.77 27.35 15.06
C VAL B 39 2.27 26.74 16.36
N THR B 40 3.53 27.02 16.64
CA THR B 40 4.18 26.53 17.84
C THR B 40 5.07 27.66 18.39
N GLY B 41 5.60 27.47 19.60
CA GLY B 41 6.49 28.45 20.22
C GLY B 41 5.77 29.66 20.78
N ASN B 42 6.53 30.59 21.34
CA ASN B 42 5.94 31.66 22.12
C ASN B 42 5.37 32.77 21.25
N SER B 43 4.11 33.12 21.47
CA SER B 43 3.38 34.09 20.63
C SER B 43 3.96 35.50 20.68
N ALA B 44 4.89 35.74 21.59
CA ALA B 44 5.63 36.99 21.66
C ALA B 44 6.95 36.91 20.93
N GLY B 45 7.37 35.76 20.45
CA GLY B 45 8.64 35.71 19.77
C GLY B 45 8.50 36.31 18.38
N THR B 46 9.62 36.41 17.68
CA THR B 46 9.63 36.74 16.27
C THR B 46 8.93 35.70 15.39
N PRO B 47 8.04 36.12 14.50
CA PRO B 47 7.35 35.12 13.65
C PRO B 47 8.31 34.56 12.61
N LEU B 48 8.36 33.25 12.53
CA LEU B 48 9.17 32.58 11.52
C LEU B 48 8.28 31.68 10.70
N VAL B 49 8.05 32.06 9.45
CA VAL B 49 7.17 31.30 8.55
C VAL B 49 7.93 30.31 7.71
N LEU B 50 7.58 29.03 7.79
CA LEU B 50 8.28 28.02 7.04
C LEU B 50 7.45 27.59 5.86
N LEU B 51 8.05 27.66 4.67
CA LEU B 51 7.36 27.36 3.41
C LEU B 51 8.18 26.27 2.73
N HIS B 52 7.59 25.09 2.58
CA HIS B 52 8.28 23.89 2.08
C HIS B 52 8.35 23.81 0.54
N GLY B 53 8.95 22.74 0.04
CA GLY B 53 9.13 22.56 -1.39
C GLY B 53 8.06 21.80 -2.14
N TRP B 54 8.34 21.58 -3.41
CA TRP B 54 7.51 20.82 -4.32
C TRP B 54 7.24 19.44 -3.80
N ALA B 55 5.96 19.10 -3.77
CA ALA B 55 5.48 17.76 -3.36
C ALA B 55 5.86 17.40 -1.91
N GLN B 56 6.00 18.41 -1.02
CA GLN B 56 6.31 18.12 0.37
C GLN B 56 5.23 18.73 1.26
N SER B 57 5.50 18.94 2.54
CA SER B 57 4.50 19.47 3.44
C SER B 57 5.20 20.09 4.67
N SER B 58 4.40 20.64 5.57
CA SER B 58 4.85 21.23 6.82
C SER B 58 5.58 20.23 7.76
N GLN B 59 5.42 18.95 7.47
CA GLN B 59 6.08 17.91 8.23
C GLN B 59 7.47 17.63 7.71
N CYS B 60 7.89 18.18 6.57
CA CYS B 60 9.21 17.87 6.07
C CYS B 60 10.42 18.21 6.97
N TRP B 61 10.28 19.19 7.85
CA TRP B 61 11.44 19.85 8.43
C TRP B 61 12.17 19.01 9.45
N GLY B 62 11.45 18.12 10.15
CA GLY B 62 12.08 17.18 11.08
C GLY B 62 11.78 17.63 12.49
N GLU B 63 11.60 16.67 13.39
CA GLU B 63 11.13 17.03 14.72
C GLU B 63 12.09 17.91 15.52
N GLN B 64 13.36 17.62 15.46
CA GLN B 64 14.39 18.41 16.24
C GLN B 64 14.48 19.82 15.72
N VAL B 65 14.52 19.97 14.39
CA VAL B 65 14.51 21.28 13.78
C VAL B 65 13.31 22.09 14.21
N LEU B 66 12.14 21.49 14.19
CA LEU B 66 10.93 22.25 14.50
C LEU B 66 10.91 22.55 16.03
N ALA B 67 11.42 21.64 16.85
CA ALA B 67 11.46 21.89 18.29
C ALA B 67 12.48 22.95 18.60
N ASP B 68 13.65 22.94 17.95
CA ASP B 68 14.67 23.93 18.28
C ASP B 68 14.27 25.33 17.86
N LEU B 69 13.66 25.43 16.68
CA LEU B 69 13.18 26.72 16.20
C LEU B 69 12.05 27.23 17.07
N ALA B 70 11.15 26.34 17.51
CA ALA B 70 10.05 26.81 18.33
C ALA B 70 10.53 27.27 19.75
N ALA B 71 11.70 26.82 20.17
CA ALA B 71 12.33 27.30 21.42
C ALA B 71 12.54 28.82 21.42
N ASP B 72 12.81 29.41 20.25
CA ASP B 72 13.12 30.85 20.11
C ASP B 72 12.08 31.66 19.36
N TYR B 73 11.37 31.04 18.42
CA TYR B 73 10.46 31.83 17.56
C TYR B 73 8.99 31.42 17.69
N ARG B 74 8.11 32.33 17.29
CA ARG B 74 6.72 31.99 17.02
C ARG B 74 6.74 31.27 15.64
N LEU B 75 6.74 29.93 15.67
CA LEU B 75 6.95 29.10 14.49
C LEU B 75 5.66 28.79 13.74
N ILE B 76 5.64 29.21 12.47
CA ILE B 76 4.47 29.06 11.61
C ILE B 76 4.80 28.17 10.41
N ALA B 77 4.43 26.90 10.53
CA ALA B 77 4.76 25.90 9.50
C ALA B 77 3.57 25.71 8.56
N VAL B 78 3.72 26.11 7.31
CA VAL B 78 2.57 26.22 6.39
C VAL B 78 2.48 24.99 5.46
N ASP B 79 1.28 24.48 5.18
CA ASP B 79 1.10 23.53 4.07
C ASP B 79 0.74 24.34 2.82
N LEU B 80 1.59 24.33 1.80
CA LEU B 80 1.24 25.02 0.53
C LEU B 80 -0.10 24.54 -0.04
N ARG B 81 -0.76 25.40 -0.80
CA ARG B 81 -1.95 24.99 -1.49
C ARG B 81 -1.64 23.73 -2.31
N GLY B 82 -2.58 22.80 -2.32
CA GLY B 82 -2.41 21.54 -3.04
C GLY B 82 -1.56 20.49 -2.36
N HIS B 83 -0.99 20.86 -1.21
CA HIS B 83 -0.10 20.00 -0.45
C HIS B 83 -0.62 19.78 1.00
N GLY B 84 -0.10 18.71 1.61
CA GLY B 84 -0.41 18.41 2.98
C GLY B 84 -1.92 18.39 3.17
N TYR B 85 -2.39 19.10 4.17
CA TYR B 85 -3.84 19.22 4.47
C TYR B 85 -4.52 20.46 3.89
N SER B 86 -3.83 21.27 3.06
CA SER B 86 -4.48 22.43 2.47
C SER B 86 -5.38 22.02 1.37
N ASP B 87 -6.36 22.87 1.06
CA ASP B 87 -7.17 22.61 -0.09
C ASP B 87 -6.31 22.46 -1.30
N ALA B 88 -6.87 21.74 -2.27
CA ALA B 88 -6.25 21.51 -3.56
C ALA B 88 -7.22 21.93 -4.72
N PRO B 89 -7.26 23.22 -5.00
CA PRO B 89 -8.09 23.70 -6.08
C PRO B 89 -7.63 23.06 -7.41
N GLU B 90 -8.58 22.97 -8.34
CA GLU B 90 -8.36 22.43 -9.68
C GLU B 90 -7.32 23.19 -10.44
N SER B 91 -7.34 24.49 -10.32
CA SER B 91 -6.46 25.30 -11.09
C SER B 91 -5.97 26.47 -10.27
N GLY B 92 -5.15 27.29 -10.93
CA GLY B 92 -4.61 28.51 -10.36
C GLY B 92 -3.19 28.43 -9.81
N TYR B 93 -2.50 27.29 -9.96
CA TYR B 93 -1.16 27.16 -9.40
C TYR B 93 -0.11 27.96 -10.22
N ASP B 94 -0.49 28.36 -11.43
CA ASP B 94 0.37 29.18 -12.28
C ASP B 94 0.07 30.65 -12.17
N ASP B 95 -0.64 31.04 -11.13
CA ASP B 95 -0.96 32.44 -10.92
C ASP B 95 -0.31 32.96 -9.65
N SER B 96 0.73 33.77 -9.85
CA SER B 96 1.48 34.38 -8.74
C SER B 96 0.55 35.04 -7.70
N ALA B 97 -0.60 35.58 -8.10
CA ALA B 97 -1.44 36.28 -7.13
C ALA B 97 -2.08 35.28 -6.18
N ASN B 98 -2.28 34.04 -6.57
CA ASN B 98 -2.72 33.06 -5.55
C ASN B 98 -1.70 32.77 -4.47
N TRP B 99 -0.45 32.50 -4.87
CA TRP B 99 0.58 32.21 -3.90
C TRP B 99 0.78 33.42 -3.00
N ALA B 100 0.77 34.62 -3.58
CA ALA B 100 0.93 35.83 -2.75
C ALA B 100 -0.21 35.94 -1.70
N GLY B 101 -1.42 35.67 -2.12
CA GLY B 101 -2.54 35.73 -1.16
C GLY B 101 -2.46 34.69 -0.04
N ASP B 102 -1.91 33.53 -0.35
CA ASP B 102 -1.76 32.47 0.65
C ASP B 102 -0.89 32.94 1.79
N VAL B 103 0.25 33.50 1.45
CA VAL B 103 1.18 34.08 2.41
C VAL B 103 0.56 35.28 3.13
N ALA B 104 -0.14 36.15 2.43
CA ALA B 104 -0.78 37.30 3.12
C ALA B 104 -1.84 36.80 4.11
N ALA B 105 -2.51 35.72 3.76
CA ALA B 105 -3.70 35.25 4.50
C ALA B 105 -3.28 34.60 5.79
N VAL B 106 -2.21 33.82 5.72
CA VAL B 106 -1.59 33.25 6.92
C VAL B 106 -1.04 34.34 7.83
N LEU B 107 -0.34 35.32 7.28
CA LEU B 107 0.15 36.44 8.11
C LEU B 107 -1.02 37.19 8.78
N ALA B 108 -2.08 37.48 8.03
CA ALA B 108 -3.24 38.25 8.55
C ALA B 108 -3.88 37.46 9.63
N ALA B 109 -4.18 36.21 9.32
CA ALA B 109 -4.75 35.32 10.36
C ALA B 109 -3.94 35.34 11.64
N GLU B 110 -2.62 35.47 11.58
CA GLU B 110 -1.90 35.46 12.82
C GLU B 110 -1.68 36.84 13.39
N GLY B 111 -2.24 37.88 12.79
CA GLY B 111 -1.93 39.26 13.22
C GLY B 111 -0.50 39.76 12.99
N VAL B 112 0.20 39.24 12.00
CA VAL B 112 1.63 39.62 11.83
C VAL B 112 1.62 40.72 10.79
N THR B 113 2.01 41.93 11.22
CA THR B 113 1.98 43.13 10.34
C THR B 113 3.38 43.69 10.12
N GLU B 114 4.33 43.18 10.86
CA GLU B 114 5.69 43.62 10.75
C GLU B 114 6.55 42.51 11.33
N ASN B 115 7.86 42.55 11.04
CA ASN B 115 8.90 41.77 11.70
C ASN B 115 9.00 40.22 11.44
N ALA B 116 8.24 39.74 10.48
CA ALA B 116 8.24 38.32 10.10
C ALA B 116 9.55 37.92 9.43
N ILE B 117 9.88 36.66 9.55
CA ILE B 117 10.97 36.04 8.78
C ILE B 117 10.30 35.00 7.94
N LEU B 118 10.63 35.03 6.64
CA LEU B 118 10.09 34.09 5.69
C LEU B 118 11.19 33.15 5.25
N LEU B 119 11.00 31.86 5.51
CA LEU B 119 11.93 30.85 5.07
C LEU B 119 11.28 29.93 4.04
N GLY B 120 11.97 29.75 2.92
CA GLY B 120 11.47 29.03 1.78
C GLY B 120 12.47 28.01 1.34
N TRP B 121 12.01 26.77 1.26
CA TRP B 121 12.77 25.62 0.78
C TRP B 121 12.29 25.32 -0.65
N SER B 122 13.23 25.29 -1.57
CA SER B 122 12.95 25.04 -2.99
C SER B 122 11.82 25.87 -3.54
N TYR B 123 10.66 25.28 -3.83
CA TYR B 123 9.57 26.04 -4.41
C TYR B 123 9.11 27.16 -3.43
N GLY B 124 9.36 26.98 -2.12
CA GLY B 124 8.99 27.97 -1.15
C GLY B 124 9.65 29.29 -1.39
N GLY B 125 10.82 29.30 -2.02
CA GLY B 125 11.48 30.56 -2.39
C GLY B 125 10.67 31.30 -3.42
N LEU B 126 10.08 30.55 -4.33
CA LEU B 126 9.30 31.17 -5.38
C LEU B 126 8.01 31.77 -4.73
N VAL B 127 7.41 31.04 -3.81
CA VAL B 127 6.21 31.54 -3.08
C VAL B 127 6.49 32.88 -2.34
N ILE B 128 7.55 32.92 -1.59
CA ILE B 128 8.04 34.14 -0.98
C ILE B 128 8.18 35.30 -2.01
N CYS B 129 8.79 35.07 -3.18
CA CYS B 129 9.02 36.17 -4.16
C CYS B 129 7.69 36.64 -4.74
N ASP B 130 6.78 35.70 -4.98
CA ASP B 130 5.43 36.09 -5.45
C ASP B 130 4.74 36.99 -4.45
N TYR B 131 4.89 36.65 -3.18
CA TYR B 131 4.30 37.44 -2.10
C TYR B 131 4.96 38.85 -2.00
N LEU B 132 6.28 38.88 -1.98
CA LEU B 132 6.99 40.17 -1.85
C LEU B 132 6.73 41.11 -3.03
N ALA B 133 6.61 40.56 -4.23
CA ALA B 133 6.28 41.41 -5.37
C ALA B 133 4.90 42.05 -5.24
N ALA B 134 3.93 41.28 -4.76
CA ALA B 134 2.55 41.74 -4.57
C ALA B 134 2.39 42.67 -3.41
N HIS B 135 3.18 42.50 -2.40
CA HIS B 135 2.92 43.14 -1.14
C HIS B 135 4.03 43.99 -0.58
N GLY B 136 5.24 43.90 -1.12
CA GLY B 136 6.36 44.57 -0.45
C GLY B 136 6.79 43.91 0.83
N THR B 137 7.66 44.57 1.55
CA THR B 137 8.31 44.01 2.71
C THR B 137 7.87 44.60 4.06
N GLY B 138 6.80 45.38 4.06
CA GLY B 138 6.32 46.03 5.30
C GLY B 138 6.15 45.04 6.43
N ALA B 139 5.67 43.81 6.12
CA ALA B 139 5.46 42.82 7.21
C ALA B 139 6.67 41.96 7.53
N VAL B 140 7.78 42.21 6.87
CA VAL B 140 8.88 41.25 6.82
C VAL B 140 10.20 41.89 7.13
N ALA B 141 10.96 41.27 8.05
CA ALA B 141 12.26 41.77 8.46
C ALA B 141 13.42 41.12 7.74
N GLY B 142 13.20 39.92 7.26
CA GLY B 142 14.24 39.11 6.63
C GLY B 142 13.68 37.88 5.99
N ALA B 143 14.48 37.30 5.12
CA ALA B 143 14.10 36.04 4.43
C ALA B 143 15.24 35.08 4.41
N VAL B 144 14.93 33.79 4.31
CA VAL B 144 15.94 32.77 4.15
C VAL B 144 15.56 31.90 2.97
N LEU B 145 16.51 31.69 2.08
CA LEU B 145 16.28 30.94 0.84
C LEU B 145 17.11 29.68 0.90
N VAL B 146 16.43 28.54 1.13
CA VAL B 146 17.10 27.24 1.38
C VAL B 146 16.96 26.36 0.16
N GLY B 147 18.06 26.16 -0.58
CA GLY B 147 17.99 25.33 -1.76
C GLY B 147 16.89 25.80 -2.67
N ALA B 148 16.81 27.10 -2.81
CA ALA B 148 15.60 27.73 -3.25
C ALA B 148 15.64 28.10 -4.72
N ILE B 149 14.48 28.05 -5.37
CA ILE B 149 14.28 28.82 -6.62
C ILE B 149 13.60 30.15 -6.27
N THR B 150 13.84 31.16 -7.11
CA THR B 150 13.18 32.46 -7.06
C THR B 150 12.40 32.82 -8.33
N SER B 151 12.62 32.02 -9.39
CA SER B 151 11.98 32.19 -10.69
C SER B 151 11.75 30.81 -11.23
N ILE B 152 10.92 30.72 -12.25
CA ILE B 152 10.76 29.48 -12.91
C ILE B 152 10.57 29.67 -14.42
N GLY B 153 11.24 28.83 -15.17
CA GLY B 153 11.07 28.78 -16.62
C GLY B 153 12.35 28.99 -17.41
N ARG B 154 12.22 28.83 -18.72
CA ARG B 154 13.40 28.84 -19.57
C ARG B 154 14.20 30.10 -19.39
N GLY B 155 15.50 29.95 -19.24
CA GLY B 155 16.39 31.09 -19.15
C GLY B 155 16.44 31.81 -17.82
N GLU B 156 15.75 31.30 -16.79
CA GLU B 156 15.76 32.02 -15.47
C GLU B 156 16.87 31.44 -14.65
N LYS B 157 17.91 32.23 -14.40
CA LYS B 157 19.05 31.74 -13.66
C LYS B 157 18.65 31.40 -12.22
N GLY B 158 17.60 32.05 -11.75
CA GLY B 158 17.09 31.79 -10.43
C GLY B 158 16.15 30.61 -10.36
N GLY B 159 15.93 29.92 -11.47
CA GLY B 159 15.13 28.70 -11.47
C GLY B 159 15.83 27.47 -12.00
N LYS B 160 17.14 27.51 -12.02
CA LYS B 160 17.93 26.43 -12.60
C LYS B 160 17.85 25.12 -11.86
N VAL B 161 17.22 24.15 -12.49
CA VAL B 161 16.96 22.84 -11.87
C VAL B 161 18.13 21.84 -12.13
N GLY B 162 18.35 20.92 -11.20
CA GLY B 162 19.42 19.96 -11.34
C GLY B 162 19.03 18.63 -11.96
N SER B 163 20.00 17.75 -12.05
CA SER B 163 19.83 16.46 -12.71
C SER B 163 18.75 15.57 -12.07
N ALA B 164 18.63 15.59 -10.75
CA ALA B 164 17.63 14.72 -10.07
C ALA B 164 16.23 15.18 -10.45
N MET B 165 16.03 16.49 -10.46
CA MET B 165 14.75 17.08 -10.90
C MET B 165 14.43 16.77 -12.36
N ARG B 166 15.43 16.90 -13.24
CA ARG B 166 15.22 16.63 -14.65
C ARG B 166 14.82 15.19 -14.89
N SER B 167 15.54 14.25 -14.29
CA SER B 167 15.23 12.80 -14.41
C SER B 167 13.86 12.43 -13.88
N ALA B 168 13.37 13.19 -12.90
CA ALA B 168 12.10 12.87 -12.23
C ALA B 168 10.86 13.20 -13.01
N VAL B 169 11.00 13.96 -14.10
CA VAL B 169 9.87 14.44 -14.89
C VAL B 169 9.83 13.75 -16.24
N PRO B 170 8.66 13.24 -16.67
CA PRO B 170 7.35 13.35 -16.14
C PRO B 170 6.89 12.15 -15.33
N GLY B 171 7.78 11.24 -14.98
CA GLY B 171 7.47 10.12 -14.16
C GLY B 171 6.81 10.52 -12.83
N ALA B 172 7.37 11.52 -12.17
CA ALA B 172 6.87 11.99 -10.90
C ALA B 172 5.47 12.65 -11.05
N MET B 173 5.08 13.03 -12.26
CA MET B 173 3.77 13.62 -12.49
C MET B 173 2.71 12.62 -12.90
N SER B 174 3.06 11.34 -13.01
CA SER B 174 2.18 10.36 -13.59
C SER B 174 1.14 9.87 -12.60
N GLU B 175 -0.03 9.59 -13.13
CA GLU B 175 -1.11 8.93 -12.38
C GLU B 175 -0.70 7.45 -12.14
N ASP B 176 0.12 6.92 -13.02
CA ASP B 176 0.45 5.52 -12.95
C ASP B 176 1.40 5.29 -11.74
N PRO B 177 0.99 4.46 -10.77
CA PRO B 177 1.83 4.17 -9.62
C PRO B 177 3.23 3.66 -9.90
N ARG B 178 3.34 2.67 -10.77
CA ARG B 178 4.66 2.16 -11.09
C ARG B 178 5.60 3.28 -11.51
N GLU B 179 5.15 4.16 -12.39
CA GLU B 179 5.99 5.23 -12.91
C GLU B 179 6.30 6.24 -11.85
N ALA B 180 5.31 6.60 -11.03
CA ALA B 180 5.56 7.61 -10.05
C ALA B 180 6.44 7.13 -8.91
N ILE B 181 6.28 5.90 -8.51
CA ILE B 181 7.02 5.32 -7.40
C ILE B 181 8.53 5.22 -7.74
N ARG B 182 8.81 4.84 -8.98
CA ARG B 182 10.20 4.78 -9.47
C ARG B 182 10.81 6.17 -9.50
N ALA B 183 10.10 7.12 -10.07
CA ALA B 183 10.62 8.47 -10.24
C ALA B 183 10.79 9.17 -8.93
N LEU B 184 9.78 9.13 -8.06
CA LEU B 184 9.86 9.83 -6.77
C LEU B 184 10.81 9.09 -5.81
N GLY B 185 10.85 7.78 -5.87
CA GLY B 185 11.86 7.01 -5.05
C GLY B 185 13.30 7.47 -5.34
N ALA B 186 13.61 7.55 -6.62
CA ALA B 186 14.96 7.99 -7.06
C ALA B 186 15.19 9.46 -6.62
N PHE B 187 14.17 10.27 -6.87
CA PHE B 187 14.17 11.71 -6.51
C PHE B 187 14.48 11.94 -5.04
N GLY B 188 13.93 11.09 -4.17
CA GLY B 188 14.00 11.30 -2.75
C GLY B 188 15.41 11.21 -2.19
N ASN B 189 16.27 10.47 -2.90
CA ASN B 189 17.69 10.38 -2.50
C ASN B 189 18.50 11.67 -2.54
N ALA B 190 18.10 12.59 -3.38
CA ALA B 190 18.73 13.91 -3.41
C ALA B 190 18.25 14.77 -2.22
N LEU B 191 17.08 14.43 -1.66
CA LEU B 191 16.54 15.21 -0.53
C LEU B 191 17.21 14.89 0.76
N THR B 192 17.54 13.62 0.97
CA THR B 192 18.15 13.20 2.22
C THR B 192 19.68 13.24 2.14
N GLY B 193 20.27 12.99 0.97
CA GLY B 193 21.73 12.86 0.92
C GLY B 193 22.33 11.47 1.22
N PRO B 194 22.56 11.10 2.51
CA PRO B 194 23.13 9.75 2.74
C PRO B 194 22.62 8.53 1.93
N PRO B 195 21.40 7.98 2.18
CA PRO B 195 20.43 8.07 3.28
C PRO B 195 20.75 7.16 4.53
N GLU B 196 21.96 6.60 4.64
CA GLU B 196 22.34 5.81 5.84
C GLU B 196 22.09 6.71 7.03
N GLY B 197 21.48 6.17 8.09
CA GLY B 197 21.15 6.94 9.29
C GLY B 197 19.82 7.68 9.16
N LYS B 198 19.29 7.81 7.94
CA LYS B 198 18.14 8.73 7.66
C LYS B 198 16.87 8.01 7.13
N GLY B 199 16.72 6.76 7.54
CA GLY B 199 15.69 5.88 7.04
C GLY B 199 14.26 6.35 7.23
N ALA B 200 13.88 6.73 8.44
CA ALA B 200 12.54 7.22 8.69
C ALA B 200 12.22 8.48 7.87
N ALA B 201 13.17 9.43 7.79
CA ALA B 201 12.89 10.70 7.08
C ALA B 201 12.79 10.44 5.61
N SER B 202 13.65 9.55 5.14
CA SER B 202 13.69 9.15 3.75
C SER B 202 12.31 8.57 3.37
N GLN B 203 11.80 7.66 4.21
CA GLN B 203 10.49 7.09 4.00
C GLN B 203 9.41 8.18 4.00
N ALA B 204 9.47 9.06 4.98
CA ALA B 204 8.45 10.09 5.16
C ALA B 204 8.46 11.12 4.02
N LEU B 205 9.62 11.57 3.60
CA LEU B 205 9.69 12.50 2.48
C LEU B 205 9.14 11.89 1.19
N PHE B 206 9.51 10.64 0.93
CA PHE B 206 9.02 9.90 -0.16
C PHE B 206 7.48 9.82 -0.04
N GLY B 207 6.99 9.47 1.14
CA GLY B 207 5.51 9.38 1.37
C GLY B 207 4.73 10.68 1.15
N TYR B 208 5.22 11.80 1.70
CA TYR B 208 4.59 13.10 1.42
C TYR B 208 4.52 13.39 -0.11
N SER B 209 5.58 13.07 -0.86
CA SER B 209 5.55 13.30 -2.33
C SER B 209 4.47 12.40 -3.00
N LEU B 210 4.43 11.14 -2.61
CA LEU B 210 3.43 10.23 -3.15
C LEU B 210 2.01 10.62 -2.82
N SER B 211 1.79 11.17 -1.63
CA SER B 211 0.44 11.55 -1.21
C SER B 211 0.08 12.94 -1.69
N THR B 212 1.01 13.65 -2.32
CA THR B 212 0.70 14.91 -2.98
C THR B 212 0.02 14.54 -4.32
N ARG B 213 -1.16 15.07 -4.54
CA ARG B 213 -1.91 14.67 -5.76
C ARG B 213 -1.04 14.83 -7.03
N PRO B 214 -1.09 13.86 -7.94
CA PRO B 214 -0.21 14.02 -9.10
C PRO B 214 -0.48 15.28 -9.94
N ARG B 215 -1.74 15.66 -10.05
CA ARG B 215 -2.09 16.90 -10.80
C ARG B 215 -1.47 18.17 -10.20
N VAL B 216 -1.29 18.16 -8.88
CA VAL B 216 -0.64 19.29 -8.16
C VAL B 216 0.86 19.29 -8.46
N ARG B 217 1.53 18.12 -8.31
CA ARG B 217 2.94 17.95 -8.72
C ARG B 217 3.17 18.50 -10.12
N ALA B 218 2.27 18.20 -11.05
CA ALA B 218 2.36 18.72 -12.42
C ALA B 218 2.06 20.20 -12.49
N ALA B 219 0.97 20.65 -11.86
CA ALA B 219 0.60 22.06 -11.93
C ALA B 219 1.68 23.01 -11.49
N LEU B 220 2.39 22.67 -10.42
CA LEU B 220 3.41 23.60 -9.94
C LEU B 220 4.51 23.88 -10.94
N PHE B 221 4.79 22.90 -11.77
CA PHE B 221 5.93 22.92 -12.68
C PHE B 221 5.52 23.64 -13.99
N ASN B 222 4.22 23.71 -14.27
CA ASN B 222 3.73 24.15 -15.56
C ASN B 222 3.34 25.59 -15.53
N ARG B 223 4.37 26.40 -15.38
CA ARG B 223 4.32 27.83 -15.26
C ARG B 223 5.70 28.50 -15.50
N ALA B 224 5.65 29.79 -15.65
CA ALA B 224 6.78 30.65 -15.89
C ALA B 224 6.54 31.95 -15.16
N VAL B 225 7.54 32.40 -14.43
CA VAL B 225 7.52 33.72 -13.83
C VAL B 225 8.94 34.11 -13.49
N GLY B 226 9.31 35.37 -13.72
CA GLY B 226 10.66 35.85 -13.41
C GLY B 226 10.66 36.92 -12.33
N HIS B 227 11.57 36.85 -11.38
CA HIS B 227 11.59 37.78 -10.23
C HIS B 227 12.94 38.48 -10.05
N ASP B 228 13.75 38.48 -11.09
CA ASP B 228 15.05 39.08 -10.95
C ASP B 228 14.84 40.56 -10.62
N GLU B 229 13.82 41.21 -11.18
CA GLU B 229 13.61 42.67 -10.92
C GLU B 229 13.30 42.96 -9.46
N LEU B 230 12.59 42.03 -8.81
CA LEU B 230 12.30 42.11 -7.37
C LEU B 230 13.55 41.91 -6.53
N LEU B 231 14.31 40.85 -6.80
CA LEU B 231 15.49 40.54 -6.03
C LEU B 231 16.52 41.71 -6.00
N ARG B 232 16.78 42.35 -7.16
CA ARG B 232 17.79 43.42 -7.18
C ARG B 232 17.27 44.68 -6.49
N ASN B 233 15.97 44.71 -6.17
CA ASN B 233 15.33 45.86 -5.55
C ASN B 233 14.91 45.65 -4.09
N LEU B 234 15.12 44.42 -3.59
CA LEU B 234 14.75 44.04 -2.22
C LEU B 234 15.47 44.85 -1.17
N ASP B 235 14.66 45.31 -0.23
CA ASP B 235 15.06 46.20 0.86
C ASP B 235 15.21 45.42 2.16
N ILE B 236 15.16 44.08 2.12
CA ILE B 236 15.44 43.26 3.31
C ILE B 236 16.70 42.40 3.20
N PRO B 237 17.36 42.10 4.34
CA PRO B 237 18.41 41.08 4.39
C PRO B 237 17.86 39.70 4.04
N VAL B 238 18.62 38.94 3.25
CA VAL B 238 18.20 37.63 2.82
C VAL B 238 19.40 36.71 2.96
N LEU B 239 19.23 35.61 3.66
CA LEU B 239 20.23 34.58 3.68
C LEU B 239 20.01 33.50 2.64
N VAL B 240 21.05 33.20 1.86
CA VAL B 240 21.05 32.13 0.87
C VAL B 240 21.75 30.97 1.51
N LEU B 241 21.06 29.83 1.63
CA LEU B 241 21.61 28.68 2.29
C LEU B 241 21.44 27.49 1.34
N HIS B 242 22.54 26.95 0.83
CA HIS B 242 22.40 26.09 -0.33
C HIS B 242 23.49 25.09 -0.32
N GLY B 243 23.14 23.84 -0.56
CA GLY B 243 24.12 22.78 -0.76
C GLY B 243 24.90 22.90 -2.05
N THR B 244 26.22 22.72 -1.98
CA THR B 244 27.01 22.81 -3.18
C THR B 244 26.67 21.64 -4.16
N ASP B 245 26.22 20.50 -3.66
CA ASP B 245 25.87 19.35 -4.52
C ASP B 245 24.37 19.13 -4.65
N ASP B 246 23.62 20.19 -4.42
CA ASP B 246 22.20 20.12 -4.65
C ASP B 246 21.98 19.76 -6.14
N SER B 247 21.27 18.67 -6.35
CA SER B 247 20.95 18.16 -7.65
C SER B 247 19.47 18.31 -7.93
N VAL B 248 18.78 19.05 -7.07
CA VAL B 248 17.37 19.40 -7.31
C VAL B 248 17.26 20.82 -7.82
N VAL B 249 17.84 21.73 -7.05
CA VAL B 249 17.99 23.09 -7.40
C VAL B 249 19.50 23.40 -7.43
N ASP B 250 20.00 23.71 -8.62
CA ASP B 250 21.46 23.86 -8.79
C ASP B 250 21.91 25.03 -7.92
N VAL B 251 23.07 24.90 -7.26
CA VAL B 251 23.61 25.94 -6.42
C VAL B 251 23.75 27.26 -7.13
N SER B 252 23.88 27.23 -8.46
CA SER B 252 23.99 28.45 -9.23
C SER B 252 22.73 29.30 -9.04
N ALA B 253 21.59 28.67 -8.74
CA ALA B 253 20.37 29.48 -8.53
C ALA B 253 20.55 30.32 -7.28
N GLY B 254 21.09 29.73 -6.24
CA GLY B 254 21.34 30.50 -5.01
C GLY B 254 22.45 31.54 -5.19
N LYS B 255 23.50 31.16 -5.95
CA LYS B 255 24.59 32.08 -6.28
C LYS B 255 24.01 33.26 -7.03
N HIS B 256 23.05 33.05 -7.90
CA HIS B 256 22.40 34.13 -8.62
C HIS B 256 21.57 35.10 -7.71
N ALA B 257 20.80 34.52 -6.81
CA ALA B 257 20.03 35.33 -5.89
C ALA B 257 21.00 36.14 -5.02
N GLU B 258 22.03 35.50 -4.50
CA GLU B 258 22.99 36.23 -3.63
C GLU B 258 23.56 37.47 -4.37
N GLU B 259 23.81 37.27 -5.65
CA GLU B 259 24.39 38.33 -6.46
C GLU B 259 23.41 39.50 -6.66
N LEU B 260 22.17 39.20 -6.96
CA LEU B 260 21.18 40.25 -7.18
C LEU B 260 20.70 41.00 -5.90
N ILE B 261 20.58 40.31 -4.77
CA ILE B 261 19.96 40.89 -3.57
C ILE B 261 20.91 41.81 -2.83
N PRO B 262 20.53 43.09 -2.69
CA PRO B 262 21.53 44.04 -2.23
C PRO B 262 22.04 43.70 -0.84
N LYS B 263 21.16 43.29 0.06
CA LYS B 263 21.59 42.93 1.39
C LYS B 263 21.65 41.38 1.59
N SER B 264 22.33 40.69 0.67
CA SER B 264 22.43 39.25 0.73
C SER B 264 23.46 38.78 1.72
N GLN B 265 23.25 37.58 2.26
CA GLN B 265 24.29 36.82 2.97
C GLN B 265 24.20 35.43 2.47
N ALA B 266 25.23 34.64 2.61
CA ALA B 266 25.14 33.31 2.01
C ALA B 266 25.93 32.31 2.75
N SER B 267 25.52 31.03 2.69
CA SER B 267 26.21 29.91 3.32
C SER B 267 26.09 28.71 2.39
N TYR B 268 27.21 28.32 1.76
CA TYR B 268 27.21 27.22 0.82
C TYR B 268 27.79 25.99 1.48
N TRP B 269 26.96 24.96 1.67
CA TRP B 269 27.34 23.81 2.47
C TRP B 269 27.98 22.81 1.56
N VAL B 270 29.26 22.59 1.78
CA VAL B 270 30.10 21.79 0.91
C VAL B 270 29.63 20.36 1.02
N GLY B 271 29.45 19.71 -0.12
CA GLY B 271 29.00 18.30 -0.19
C GLY B 271 27.52 18.05 0.14
N CYS B 272 26.77 19.09 0.50
CA CYS B 272 25.36 18.92 0.85
C CYS B 272 24.44 18.90 -0.39
N ASN B 273 23.41 18.07 -0.40
CA ASN B 273 22.47 18.05 -1.54
C ASN B 273 21.30 18.98 -1.21
N HIS B 274 20.06 18.59 -1.48
CA HIS B 274 18.96 19.54 -1.41
C HIS B 274 18.35 19.74 -0.05
N GLY B 275 18.68 18.87 0.89
CA GLY B 275 18.07 18.88 2.23
C GLY B 275 18.97 19.23 3.42
N PRO B 276 19.45 20.48 3.50
CA PRO B 276 20.40 20.74 4.62
C PRO B 276 19.83 20.49 6.03
N PHE B 277 18.55 20.77 6.21
CA PHE B 277 17.91 20.59 7.50
C PHE B 277 17.81 19.09 7.81
N VAL B 278 17.87 18.25 6.77
CA VAL B 278 17.89 16.83 6.97
C VAL B 278 19.34 16.32 7.25
N GLU B 279 20.27 16.83 6.48
CA GLU B 279 21.69 16.44 6.54
C GLU B 279 22.31 16.86 7.87
N ASP B 280 22.02 18.05 8.34
CA ASP B 280 22.65 18.53 9.56
C ASP B 280 21.69 19.42 10.28
N PRO B 281 20.72 18.80 10.97
CA PRO B 281 19.73 19.63 11.67
C PRO B 281 20.30 20.70 12.61
N THR B 282 21.42 20.38 13.27
CA THR B 282 21.96 21.31 14.27
C THR B 282 22.56 22.56 13.63
N ARG B 283 23.32 22.34 12.57
CA ARG B 283 23.89 23.41 11.78
C ARG B 283 22.81 24.28 11.13
N PHE B 284 21.78 23.64 10.59
CA PHE B 284 20.72 24.37 9.96
C PHE B 284 20.13 25.35 10.97
N VAL B 285 19.75 24.86 12.16
CA VAL B 285 19.10 25.72 13.18
C VAL B 285 20.03 26.86 13.65
N SER B 286 21.25 26.48 13.91
CA SER B 286 22.29 27.45 14.20
C SER B 286 22.47 28.55 13.13
N GLU B 287 22.55 28.18 11.86
CA GLU B 287 22.74 29.21 10.84
C GLU B 287 21.52 30.10 10.74
N VAL B 288 20.31 29.52 10.84
CA VAL B 288 19.13 30.33 10.85
C VAL B 288 19.00 31.31 12.07
N ARG B 289 19.25 30.80 13.28
CA ARG B 289 19.28 31.60 14.54
C ARG B 289 20.20 32.78 14.39
N THR B 290 21.41 32.53 13.90
CA THR B 290 22.42 33.60 13.80
C THR B 290 21.99 34.67 12.83
N PHE B 291 21.44 34.23 11.70
CA PHE B 291 20.98 35.17 10.73
C PHE B 291 19.91 36.05 11.34
N ILE B 292 18.90 35.42 11.94
CA ILE B 292 17.78 36.16 12.49
C ILE B 292 18.29 37.11 13.63
N SER B 293 19.12 36.61 14.50
CA SER B 293 19.72 37.45 15.54
C SER B 293 20.44 38.66 14.96
N SER B 294 21.19 38.42 13.88
CA SER B 294 21.96 39.46 13.21
C SER B 294 21.12 40.63 12.74
N LEU B 295 19.80 40.48 12.62
CA LEU B 295 19.00 41.56 12.05
C LEU B 295 19.02 42.79 12.98
N GLY B 296 20.22 43.10 13.47
CA GLY B 296 20.46 44.12 14.49
C GLY B 296 21.97 44.33 14.66
N MET C 22 11.36 -47.72 0.02
CA MET C 22 11.05 -46.31 0.43
C MET C 22 10.38 -45.52 -0.72
N SER C 23 9.20 -46.00 -1.14
CA SER C 23 8.34 -45.28 -2.08
C SER C 23 8.16 -43.83 -1.59
N ILE C 24 7.73 -43.66 -0.34
CA ILE C 24 7.38 -42.37 0.22
C ILE C 24 8.64 -41.77 0.88
N ARG C 25 8.90 -40.49 0.58
CA ARG C 25 10.15 -39.80 0.94
C ARG C 25 9.92 -38.34 1.27
N GLU C 26 10.97 -37.72 1.84
CA GLU C 26 10.93 -36.34 2.31
C GLU C 26 12.23 -35.62 1.89
N ALA C 27 12.10 -34.30 1.70
CA ALA C 27 13.24 -33.41 1.41
C ALA C 27 13.00 -32.08 2.08
N VAL C 28 14.07 -31.47 2.58
CA VAL C 28 13.97 -30.28 3.38
C VAL C 28 14.39 -29.16 2.48
N SER C 29 13.57 -28.13 2.46
CA SER C 29 13.78 -27.03 1.56
C SER C 29 14.48 -25.92 2.35
N VAL C 30 14.71 -24.82 1.65
CA VAL C 30 15.55 -23.77 2.15
C VAL C 30 15.05 -23.04 3.38
N ASP C 31 13.76 -23.14 3.68
CA ASP C 31 13.22 -22.50 4.82
C ASP C 31 12.87 -23.50 5.93
N GLY C 32 13.40 -24.71 5.89
CA GLY C 32 12.95 -25.76 6.85
C GLY C 32 11.62 -26.47 6.52
N THR C 33 11.04 -26.18 5.38
CA THR C 33 9.80 -26.87 5.02
C THR C 33 10.12 -28.29 4.54
N SER C 34 9.41 -29.29 5.07
CA SER C 34 9.63 -30.66 4.56
C SER C 34 8.66 -30.93 3.39
N ILE C 35 9.23 -31.36 2.30
CA ILE C 35 8.50 -31.64 1.06
C ILE C 35 8.43 -33.18 0.81
N VAL C 36 7.21 -33.69 0.86
CA VAL C 36 6.95 -35.10 0.66
C VAL C 36 6.78 -35.44 -0.78
N TYR C 37 7.36 -36.56 -1.18
CA TYR C 37 7.19 -37.02 -2.54
C TYR C 37 7.23 -38.54 -2.58
N ARG C 38 6.74 -39.11 -3.68
CA ARG C 38 6.74 -40.56 -3.89
C ARG C 38 7.54 -40.94 -5.11
N VAL C 39 8.43 -41.93 -4.98
CA VAL C 39 9.26 -42.40 -6.10
C VAL C 39 8.84 -43.79 -6.52
N THR C 40 8.71 -44.01 -7.82
CA THR C 40 8.43 -45.30 -8.40
C THR C 40 9.17 -45.47 -9.74
N GLY C 41 9.11 -46.65 -10.34
CA GLY C 41 9.78 -46.91 -11.61
C GLY C 41 11.25 -47.18 -11.44
N ASN C 42 11.90 -47.54 -12.55
CA ASN C 42 13.29 -47.94 -12.60
C ASN C 42 14.19 -46.81 -12.19
N SER C 43 15.03 -47.08 -11.19
CA SER C 43 15.95 -46.09 -10.62
C SER C 43 17.02 -45.62 -11.58
N ALA C 44 17.26 -46.37 -12.66
CA ALA C 44 18.24 -45.95 -13.67
C ALA C 44 17.60 -45.19 -14.85
N GLY C 45 16.29 -44.93 -14.77
CA GLY C 45 15.58 -44.31 -15.90
C GLY C 45 15.68 -42.79 -15.88
N THR C 46 15.15 -42.18 -16.93
CA THR C 46 14.96 -40.72 -17.02
C THR C 46 14.09 -40.23 -15.85
N PRO C 47 14.55 -39.22 -15.08
CA PRO C 47 13.68 -38.74 -14.01
C PRO C 47 12.58 -37.85 -14.55
N LEU C 48 11.38 -38.12 -14.10
CA LEU C 48 10.18 -37.37 -14.45
C LEU C 48 9.54 -36.93 -13.14
N VAL C 49 9.61 -35.63 -12.90
CA VAL C 49 9.08 -35.03 -11.70
C VAL C 49 7.73 -34.42 -11.99
N LEU C 50 6.73 -34.82 -11.22
CA LEU C 50 5.39 -34.30 -11.39
C LEU C 50 5.10 -33.27 -10.32
N LEU C 51 4.62 -32.10 -10.73
CA LEU C 51 4.21 -30.99 -9.83
C LEU C 51 2.82 -30.64 -10.16
N HIS C 52 1.93 -30.85 -9.17
CA HIS C 52 0.49 -30.76 -9.33
C HIS C 52 0.07 -29.32 -9.20
N GLY C 53 -1.22 -29.09 -9.23
CA GLY C 53 -1.72 -27.72 -9.19
C GLY C 53 -2.29 -27.31 -7.85
N TRP C 54 -2.91 -26.14 -7.87
CA TRP C 54 -3.51 -25.55 -6.69
C TRP C 54 -4.57 -26.47 -6.06
N ALA C 55 -4.49 -26.53 -4.74
CA ALA C 55 -5.26 -27.48 -3.90
C ALA C 55 -5.36 -28.91 -4.44
N GLN C 56 -4.29 -29.42 -5.05
CA GLN C 56 -4.23 -30.84 -5.37
C GLN C 56 -3.11 -31.60 -4.61
N SER C 57 -2.71 -32.76 -5.09
CA SER C 57 -1.64 -33.47 -4.44
C SER C 57 -0.99 -34.42 -5.41
N SER C 58 0.05 -35.09 -4.95
CA SER C 58 0.73 -36.12 -5.74
C SER C 58 -0.18 -37.30 -6.16
N GLN C 59 -1.38 -37.40 -5.56
CA GLN C 59 -2.33 -38.43 -5.89
C GLN C 59 -3.28 -38.04 -7.05
N CYS C 60 -3.14 -36.82 -7.60
CA CYS C 60 -4.12 -36.30 -8.57
C CYS C 60 -4.02 -36.97 -9.95
N TRP C 61 -2.89 -37.59 -10.26
CA TRP C 61 -2.56 -37.89 -11.66
C TRP C 61 -3.41 -39.04 -12.18
N GLY C 62 -3.84 -39.93 -11.27
CA GLY C 62 -4.57 -41.16 -11.69
C GLY C 62 -3.69 -42.40 -11.74
N GLU C 63 -4.27 -43.54 -11.37
CA GLU C 63 -3.45 -44.71 -11.15
C GLU C 63 -2.90 -45.24 -12.41
N GLN C 64 -3.66 -45.18 -13.51
CA GLN C 64 -3.18 -45.71 -14.83
C GLN C 64 -2.05 -44.81 -15.42
N VAL C 65 -2.24 -43.48 -15.29
CA VAL C 65 -1.20 -42.53 -15.71
C VAL C 65 0.06 -42.82 -14.93
N LEU C 66 -0.07 -42.97 -13.61
CA LEU C 66 1.13 -43.16 -12.80
C LEU C 66 1.86 -44.46 -13.11
N ALA C 67 1.11 -45.54 -13.30
CA ALA C 67 1.70 -46.86 -13.62
C ALA C 67 2.34 -46.83 -14.98
N ASP C 68 1.69 -46.17 -15.93
CA ASP C 68 2.17 -46.20 -17.31
C ASP C 68 3.48 -45.44 -17.42
N LEU C 69 3.56 -44.32 -16.68
CA LEU C 69 4.77 -43.49 -16.72
C LEU C 69 5.88 -44.17 -15.98
N ALA C 70 5.56 -44.82 -14.86
CA ALA C 70 6.55 -45.54 -14.06
C ALA C 70 7.15 -46.75 -14.77
N ALA C 71 6.54 -47.22 -15.84
CA ALA C 71 7.08 -48.34 -16.58
C ALA C 71 8.31 -47.91 -17.38
N ASP C 72 8.28 -46.68 -17.86
CA ASP C 72 9.35 -46.11 -18.64
C ASP C 72 10.31 -45.20 -17.84
N TYR C 73 9.84 -44.52 -16.79
CA TYR C 73 10.64 -43.43 -16.22
C TYR C 73 10.92 -43.67 -14.77
N ARG C 74 11.96 -43.02 -14.28
CA ARG C 74 12.10 -42.85 -12.82
C ARG C 74 11.15 -41.74 -12.34
N LEU C 75 10.02 -42.12 -11.76
CA LEU C 75 8.96 -41.19 -11.45
C LEU C 75 8.96 -40.62 -10.03
N ILE C 76 8.84 -39.29 -9.93
CA ILE C 76 8.93 -38.55 -8.69
C ILE C 76 7.74 -37.58 -8.57
N ALA C 77 6.75 -38.01 -7.82
CA ALA C 77 5.51 -37.31 -7.70
C ALA C 77 5.52 -36.50 -6.45
N VAL C 78 5.50 -35.16 -6.56
CA VAL C 78 5.76 -34.29 -5.42
C VAL C 78 4.46 -33.81 -4.85
N ASP C 79 4.38 -33.70 -3.52
CA ASP C 79 3.31 -32.88 -2.88
C ASP C 79 3.95 -31.51 -2.62
N LEU C 80 3.37 -30.45 -3.20
CA LEU C 80 3.82 -29.08 -2.99
C LEU C 80 3.68 -28.67 -1.51
N ARG C 81 4.49 -27.68 -1.14
CA ARG C 81 4.44 -27.15 0.24
C ARG C 81 3.00 -26.78 0.49
N GLY C 82 2.53 -27.10 1.69
CA GLY C 82 1.15 -26.75 2.11
C GLY C 82 0.04 -27.63 1.57
N HIS C 83 0.42 -28.67 0.84
CA HIS C 83 -0.49 -29.62 0.18
C HIS C 83 -0.10 -31.09 0.51
N GLY C 84 -1.11 -31.95 0.40
CA GLY C 84 -0.91 -33.40 0.60
C GLY C 84 -0.30 -33.58 1.98
N TYR C 85 0.82 -34.26 2.06
CA TYR C 85 1.48 -34.57 3.35
C TYR C 85 2.67 -33.65 3.62
N SER C 86 2.96 -32.72 2.71
CA SER C 86 4.04 -31.76 2.93
C SER C 86 3.70 -30.78 4.08
N ASP C 87 4.71 -30.24 4.76
CA ASP C 87 4.46 -29.21 5.80
C ASP C 87 3.74 -28.03 5.23
N ALA C 88 2.97 -27.38 6.06
CA ALA C 88 2.28 -26.16 5.74
C ALA C 88 2.67 -25.01 6.64
N PRO C 89 3.78 -24.31 6.29
CA PRO C 89 4.13 -23.11 7.05
C PRO C 89 3.07 -22.05 6.99
N GLU C 90 3.15 -21.13 7.95
CA GLU C 90 2.17 -20.08 8.06
C GLU C 90 2.37 -19.04 6.94
N SER C 91 3.62 -18.90 6.46
CA SER C 91 3.96 -17.87 5.47
C SER C 91 4.94 -18.39 4.41
N GLY C 92 5.29 -17.51 3.48
CA GLY C 92 6.32 -17.77 2.47
C GLY C 92 5.83 -18.35 1.13
N TYR C 93 4.53 -18.32 0.89
CA TYR C 93 3.97 -18.88 -0.35
C TYR C 93 4.09 -17.86 -1.48
N ASP C 94 4.42 -16.60 -1.12
CA ASP C 94 4.65 -15.49 -2.08
C ASP C 94 6.09 -15.29 -2.43
N ASP C 95 6.96 -16.17 -1.96
CA ASP C 95 8.38 -16.06 -2.18
C ASP C 95 8.88 -17.08 -3.18
N SER C 96 9.30 -16.61 -4.36
CA SER C 96 9.84 -17.51 -5.41
C SER C 96 10.98 -18.34 -4.99
N ALA C 97 11.73 -17.87 -3.99
CA ALA C 97 12.91 -18.62 -3.54
C ALA C 97 12.53 -19.91 -2.81
N ASN C 98 11.42 -19.90 -2.11
CA ASN C 98 10.96 -21.15 -1.44
C ASN C 98 10.59 -22.22 -2.47
N TRP C 99 9.86 -21.80 -3.50
CA TRP C 99 9.32 -22.74 -4.45
C TRP C 99 10.47 -23.34 -5.19
N ALA C 100 11.42 -22.49 -5.58
CA ALA C 100 12.64 -22.94 -6.23
C ALA C 100 13.47 -23.89 -5.33
N GLY C 101 13.56 -23.59 -4.04
CA GLY C 101 14.25 -24.48 -3.09
C GLY C 101 13.59 -25.82 -2.94
N ASP C 102 12.25 -25.84 -2.99
CA ASP C 102 11.47 -27.10 -2.94
C ASP C 102 11.89 -28.02 -4.03
N VAL C 103 11.87 -27.51 -5.26
CA VAL C 103 12.32 -28.30 -6.37
C VAL C 103 13.80 -28.68 -6.25
N ALA C 104 14.65 -27.72 -5.87
CA ALA C 104 16.09 -28.03 -5.73
C ALA C 104 16.32 -29.22 -4.74
N ALA C 105 15.58 -29.22 -3.65
CA ALA C 105 15.83 -30.18 -2.55
C ALA C 105 15.36 -31.59 -2.94
N VAL C 106 14.24 -31.69 -3.66
CA VAL C 106 13.77 -32.99 -4.12
C VAL C 106 14.77 -33.59 -5.10
N LEU C 107 15.24 -32.77 -6.04
CA LEU C 107 16.20 -33.25 -6.97
C LEU C 107 17.51 -33.62 -6.25
N ALA C 108 17.88 -32.83 -5.24
CA ALA C 108 19.14 -33.10 -4.54
C ALA C 108 18.95 -34.43 -3.83
N ALA C 109 17.82 -34.55 -3.11
CA ALA C 109 17.54 -35.78 -2.33
C ALA C 109 17.57 -37.07 -3.18
N GLU C 110 17.21 -36.97 -4.46
CA GLU C 110 17.29 -38.12 -5.37
C GLU C 110 18.56 -38.18 -6.17
N GLY C 111 19.49 -37.31 -5.83
CA GLY C 111 20.73 -37.14 -6.57
C GLY C 111 20.57 -36.90 -8.04
N VAL C 112 19.58 -36.11 -8.44
CA VAL C 112 19.40 -35.85 -9.85
C VAL C 112 20.12 -34.54 -10.16
N THR C 113 21.14 -34.58 -11.02
CA THR C 113 21.91 -33.39 -11.41
C THR C 113 21.87 -33.10 -12.91
N GLU C 114 21.18 -33.93 -13.66
CA GLU C 114 21.13 -33.82 -15.11
C GLU C 114 19.93 -34.58 -15.65
N ASN C 115 19.57 -34.26 -16.88
CA ASN C 115 18.55 -34.96 -17.68
C ASN C 115 17.15 -35.15 -17.06
N ALA C 116 16.74 -34.34 -16.08
CA ALA C 116 15.39 -34.48 -15.56
C ALA C 116 14.35 -33.86 -16.53
N ILE C 117 13.12 -34.38 -16.46
CA ILE C 117 12.02 -33.76 -17.12
C ILE C 117 11.18 -33.22 -16.03
N LEU C 118 10.84 -31.95 -16.10
CA LEU C 118 9.90 -31.42 -15.11
C LEU C 118 8.54 -31.23 -15.76
N LEU C 119 7.47 -31.74 -15.12
CA LEU C 119 6.09 -31.64 -15.61
C LEU C 119 5.24 -30.95 -14.57
N GLY C 120 4.61 -29.86 -14.98
CA GLY C 120 3.88 -28.94 -14.10
C GLY C 120 2.46 -28.80 -14.61
N TRP C 121 1.52 -29.05 -13.71
CA TRP C 121 0.06 -28.89 -13.91
C TRP C 121 -0.39 -27.62 -13.18
N SER C 122 -0.92 -26.67 -13.95
CA SER C 122 -1.42 -25.37 -13.48
C SER C 122 -0.38 -24.59 -12.62
N TYR C 123 -0.61 -24.43 -11.33
CA TYR C 123 0.41 -23.79 -10.43
C TYR C 123 1.80 -24.45 -10.51
N GLY C 124 1.81 -25.75 -10.80
CA GLY C 124 3.03 -26.46 -11.04
C GLY C 124 3.98 -25.88 -12.08
N GLY C 125 3.45 -25.36 -13.19
CA GLY C 125 4.31 -24.62 -14.12
C GLY C 125 4.98 -23.39 -13.47
N LEU C 126 4.30 -22.71 -12.57
CA LEU C 126 4.87 -21.55 -11.88
C LEU C 126 6.04 -21.96 -10.95
N VAL C 127 5.87 -23.10 -10.28
CA VAL C 127 6.93 -23.68 -9.47
C VAL C 127 8.15 -23.99 -10.31
N ILE C 128 7.96 -24.63 -11.48
CA ILE C 128 9.02 -24.89 -12.40
C ILE C 128 9.74 -23.57 -12.81
N CYS C 129 8.99 -22.53 -13.11
CA CYS C 129 9.60 -21.25 -13.53
C CYS C 129 10.35 -20.56 -12.39
N ASP C 130 9.80 -20.63 -11.19
CA ASP C 130 10.53 -20.14 -10.01
C ASP C 130 11.85 -20.92 -9.94
N TYR C 131 11.82 -22.22 -10.20
CA TYR C 131 13.01 -23.05 -10.03
C TYR C 131 14.05 -22.77 -11.10
N LEU C 132 13.59 -22.70 -12.34
CA LEU C 132 14.51 -22.43 -13.43
C LEU C 132 15.13 -21.04 -13.41
N ALA C 133 14.37 -20.01 -13.01
CA ALA C 133 14.94 -18.69 -12.87
C ALA C 133 16.09 -18.68 -11.83
N ALA C 134 15.94 -19.44 -10.74
CA ALA C 134 16.92 -19.43 -9.68
C ALA C 134 18.05 -20.33 -9.99
N HIS C 135 17.81 -21.36 -10.77
CA HIS C 135 18.80 -22.38 -10.96
C HIS C 135 19.32 -22.62 -12.33
N GLY C 136 18.65 -22.12 -13.37
CA GLY C 136 19.08 -22.55 -14.70
C GLY C 136 18.60 -23.97 -15.02
N THR C 137 19.07 -24.50 -16.11
CA THR C 137 18.52 -25.72 -16.65
C THR C 137 19.56 -26.85 -16.64
N GLY C 138 20.61 -26.72 -15.82
CA GLY C 138 21.67 -27.71 -15.88
C GLY C 138 21.18 -29.09 -15.46
N ALA C 139 20.25 -29.14 -14.54
CA ALA C 139 19.72 -30.44 -14.13
C ALA C 139 18.57 -30.97 -15.01
N VAL C 140 18.19 -30.26 -16.08
CA VAL C 140 16.90 -30.45 -16.74
C VAL C 140 17.06 -30.61 -18.23
N ALA C 141 16.48 -31.67 -18.80
CA ALA C 141 16.49 -31.91 -20.24
C ALA C 141 15.22 -31.32 -20.90
N GLY C 142 14.15 -31.11 -20.15
CA GLY C 142 12.89 -30.59 -20.79
C GLY C 142 11.81 -30.39 -19.78
N ALA C 143 10.76 -29.69 -20.18
CA ALA C 143 9.67 -29.46 -19.25
C ALA C 143 8.39 -29.67 -20.01
N VAL C 144 7.34 -30.01 -19.28
CA VAL C 144 6.01 -30.08 -19.87
C VAL C 144 5.13 -29.22 -19.07
N LEU C 145 4.42 -28.34 -19.75
CA LEU C 145 3.50 -27.45 -19.10
C LEU C 145 2.07 -27.83 -19.42
N VAL C 146 1.37 -28.38 -18.43
CA VAL C 146 0.03 -28.88 -18.58
C VAL C 146 -1.01 -27.92 -17.96
N GLY C 147 -1.83 -27.30 -18.80
CA GLY C 147 -2.87 -26.38 -18.28
C GLY C 147 -2.24 -25.38 -17.29
N ALA C 148 -1.07 -24.91 -17.66
CA ALA C 148 -0.17 -24.23 -16.70
C ALA C 148 -0.30 -22.73 -16.67
N ILE C 149 -0.10 -22.18 -15.48
CA ILE C 149 0.28 -20.78 -15.42
C ILE C 149 1.80 -20.69 -15.31
N THR C 150 2.38 -19.59 -15.79
CA THR C 150 3.84 -19.36 -15.66
C THR C 150 4.17 -18.02 -14.94
N SER C 151 3.13 -17.24 -14.64
CA SER C 151 3.25 -15.92 -14.01
C SER C 151 1.96 -15.72 -13.22
N ILE C 152 1.98 -14.78 -12.26
CA ILE C 152 0.81 -14.29 -11.56
C ILE C 152 0.88 -12.76 -11.47
N GLY C 153 -0.23 -12.09 -11.77
CA GLY C 153 -0.35 -10.62 -11.60
C GLY C 153 -1.16 -9.99 -12.70
N ARG C 154 -1.67 -8.79 -12.46
CA ARG C 154 -2.52 -8.11 -13.43
C ARG C 154 -1.74 -7.99 -14.71
N GLY C 155 -2.37 -8.33 -15.83
CA GLY C 155 -1.71 -8.22 -17.12
C GLY C 155 -0.70 -9.32 -17.46
N GLU C 156 -0.38 -10.19 -16.51
CA GLU C 156 0.44 -11.35 -16.84
C GLU C 156 -0.32 -12.30 -17.78
N LYS C 157 0.01 -12.27 -19.07
CA LYS C 157 -0.56 -13.22 -20.06
C LYS C 157 -0.32 -14.69 -19.69
N GLY C 158 0.78 -14.99 -18.99
CA GLY C 158 1.07 -16.33 -18.57
C GLY C 158 0.29 -16.79 -17.35
N GLY C 159 -0.58 -15.95 -16.80
CA GLY C 159 -1.32 -16.31 -15.62
C GLY C 159 -2.81 -16.17 -15.77
N LYS C 160 -3.27 -16.11 -17.02
CA LYS C 160 -4.65 -15.80 -17.35
C LYS C 160 -5.58 -16.93 -16.91
N VAL C 161 -6.30 -16.67 -15.85
CA VAL C 161 -7.22 -17.59 -15.27
C VAL C 161 -8.48 -17.69 -16.14
N GLY C 162 -9.11 -18.84 -16.09
CA GLY C 162 -10.21 -19.08 -16.98
C GLY C 162 -11.54 -18.55 -16.49
N SER C 163 -12.50 -18.55 -17.40
CA SER C 163 -13.88 -18.08 -17.17
C SER C 163 -14.48 -18.55 -15.87
N ALA C 164 -14.40 -19.86 -15.62
CA ALA C 164 -14.97 -20.46 -14.39
C ALA C 164 -14.51 -19.79 -13.11
N MET C 165 -13.29 -19.28 -13.12
CA MET C 165 -12.48 -19.22 -11.91
C MET C 165 -12.65 -18.01 -10.99
N ARG C 166 -13.09 -16.86 -11.48
CA ARG C 166 -13.61 -15.87 -10.51
C ARG C 166 -15.13 -15.76 -10.60
N SER C 167 -15.75 -16.92 -10.74
CA SER C 167 -17.02 -17.20 -10.08
C SER C 167 -16.69 -17.91 -8.74
N ALA C 168 -15.61 -18.69 -8.74
CA ALA C 168 -15.31 -19.67 -7.68
C ALA C 168 -14.27 -19.20 -6.68
N VAL C 169 -13.48 -18.17 -7.03
CA VAL C 169 -12.28 -17.78 -6.28
C VAL C 169 -12.53 -17.10 -4.92
N PRO C 170 -13.57 -16.29 -4.81
CA PRO C 170 -13.93 -16.04 -3.38
C PRO C 170 -14.21 -17.38 -2.63
N GLY C 171 -15.36 -18.01 -2.94
CA GLY C 171 -15.90 -19.16 -2.21
C GLY C 171 -14.94 -20.30 -1.93
N ALA C 172 -14.04 -20.59 -2.89
CA ALA C 172 -13.23 -21.81 -2.83
C ALA C 172 -12.11 -21.75 -1.79
N MET C 173 -11.85 -20.54 -1.29
CA MET C 173 -10.87 -20.30 -0.23
C MET C 173 -11.53 -20.16 1.16
N SER C 174 -12.85 -20.04 1.19
CA SER C 174 -13.57 -19.91 2.45
C SER C 174 -13.28 -21.11 3.37
N GLU C 175 -13.26 -20.83 4.66
CA GLU C 175 -13.23 -21.90 5.62
C GLU C 175 -14.66 -22.28 5.94
N ASP C 176 -15.65 -21.56 5.41
CA ASP C 176 -17.06 -21.94 5.64
C ASP C 176 -17.39 -23.01 4.62
N PRO C 177 -17.79 -24.21 5.09
CA PRO C 177 -18.03 -25.39 4.24
C PRO C 177 -19.18 -25.22 3.22
N ARG C 178 -20.25 -24.52 3.59
CA ARG C 178 -21.33 -24.29 2.63
C ARG C 178 -20.74 -23.62 1.38
N GLU C 179 -20.00 -22.52 1.61
CA GLU C 179 -19.31 -21.74 0.55
C GLU C 179 -18.35 -22.57 -0.32
N ALA C 180 -17.41 -23.24 0.36
CA ALA C 180 -16.27 -23.82 -0.31
C ALA C 180 -16.71 -25.06 -1.07
N ILE C 181 -17.63 -25.84 -0.51
CA ILE C 181 -18.16 -27.02 -1.15
C ILE C 181 -18.82 -26.70 -2.49
N ARG C 182 -19.63 -25.63 -2.52
CA ARG C 182 -20.33 -25.25 -3.73
C ARG C 182 -19.29 -24.73 -4.73
N ALA C 183 -18.36 -23.89 -4.27
CA ALA C 183 -17.36 -23.36 -5.17
C ALA C 183 -16.39 -24.45 -5.70
N LEU C 184 -15.91 -25.32 -4.80
CA LEU C 184 -14.98 -26.36 -5.19
C LEU C 184 -15.60 -27.48 -6.03
N GLY C 185 -16.87 -27.79 -5.78
CA GLY C 185 -17.61 -28.81 -6.57
C GLY C 185 -17.69 -28.46 -8.06
N ALA C 186 -18.05 -27.20 -8.35
CA ALA C 186 -18.21 -26.73 -9.73
C ALA C 186 -16.86 -26.64 -10.45
N PHE C 187 -15.87 -26.13 -9.72
CA PHE C 187 -14.47 -26.25 -10.10
C PHE C 187 -14.03 -27.71 -10.44
N GLY C 188 -14.28 -28.64 -9.51
CA GLY C 188 -14.07 -30.08 -9.73
C GLY C 188 -14.52 -30.52 -11.13
N ASN C 189 -15.64 -29.98 -11.60
CA ASN C 189 -16.14 -30.41 -12.90
C ASN C 189 -15.26 -29.99 -14.06
N ALA C 190 -14.54 -28.87 -13.94
CA ALA C 190 -13.53 -28.51 -14.92
C ALA C 190 -12.31 -29.44 -14.88
N LEU C 191 -12.08 -30.11 -13.74
CA LEU C 191 -10.93 -31.01 -13.62
C LEU C 191 -11.16 -32.32 -14.33
N THR C 192 -12.41 -32.78 -14.38
CA THR C 192 -12.66 -34.09 -14.95
C THR C 192 -13.07 -34.06 -16.43
N GLY C 193 -13.64 -32.94 -16.86
CA GLY C 193 -14.40 -32.90 -18.12
C GLY C 193 -15.76 -33.49 -17.80
N PRO C 194 -16.39 -34.22 -18.77
CA PRO C 194 -17.63 -34.99 -18.52
C PRO C 194 -17.38 -36.15 -17.57
N PRO C 195 -18.05 -36.14 -16.41
CA PRO C 195 -17.63 -37.12 -15.39
C PRO C 195 -18.11 -38.57 -15.62
N GLU C 196 -18.56 -38.93 -16.84
CA GLU C 196 -19.41 -40.12 -17.08
C GLU C 196 -18.95 -41.47 -16.52
N GLY C 197 -17.78 -41.96 -16.90
CA GLY C 197 -17.24 -43.14 -16.25
C GLY C 197 -16.11 -42.84 -15.26
N LYS C 198 -16.05 -41.61 -14.77
CA LYS C 198 -14.93 -41.13 -13.97
C LYS C 198 -15.36 -40.73 -12.55
N GLY C 199 -16.29 -41.51 -12.00
CA GLY C 199 -16.89 -41.19 -10.72
C GLY C 199 -15.90 -41.09 -9.60
N ALA C 200 -14.97 -42.05 -9.53
CA ALA C 200 -14.03 -42.11 -8.43
C ALA C 200 -13.02 -40.98 -8.53
N ALA C 201 -12.60 -40.63 -9.74
CA ALA C 201 -11.61 -39.55 -9.92
C ALA C 201 -12.23 -38.21 -9.57
N SER C 202 -13.47 -38.03 -10.00
CA SER C 202 -14.26 -36.84 -9.67
C SER C 202 -14.34 -36.60 -8.16
N GLN C 203 -14.62 -37.69 -7.45
CA GLN C 203 -14.65 -37.68 -6.01
C GLN C 203 -13.30 -37.36 -5.41
N ALA C 204 -12.24 -38.06 -5.84
CA ALA C 204 -10.92 -37.91 -5.27
C ALA C 204 -10.43 -36.47 -5.45
N LEU C 205 -10.54 -35.96 -6.67
CA LEU C 205 -10.02 -34.63 -6.98
C LEU C 205 -10.69 -33.56 -6.08
N PHE C 206 -12.00 -33.69 -5.90
CA PHE C 206 -12.78 -32.80 -5.08
C PHE C 206 -12.23 -32.91 -3.65
N GLY C 207 -12.06 -34.15 -3.21
CA GLY C 207 -11.57 -34.43 -1.87
C GLY C 207 -10.26 -33.77 -1.56
N TYR C 208 -9.28 -33.92 -2.45
CA TYR C 208 -7.97 -33.28 -2.25
C TYR C 208 -8.05 -31.77 -2.08
N SER C 209 -8.91 -31.10 -2.83
CA SER C 209 -9.08 -29.65 -2.68
C SER C 209 -9.69 -29.30 -1.31
N LEU C 210 -10.66 -30.08 -0.87
CA LEU C 210 -11.33 -29.81 0.42
C LEU C 210 -10.39 -30.01 1.61
N SER C 211 -9.48 -30.96 1.46
CA SER C 211 -8.55 -31.32 2.54
C SER C 211 -7.23 -30.50 2.47
N THR C 212 -7.13 -29.63 1.49
CA THR C 212 -6.08 -28.58 1.48
C THR C 212 -6.53 -27.43 2.40
N ARG C 213 -5.71 -27.09 3.37
CA ARG C 213 -6.05 -26.04 4.30
C ARG C 213 -6.46 -24.75 3.56
N PRO C 214 -7.59 -24.17 3.94
CA PRO C 214 -8.02 -22.97 3.32
C PRO C 214 -7.02 -21.86 3.34
N ARG C 215 -6.27 -21.71 4.43
CA ARG C 215 -5.20 -20.68 4.46
C ARG C 215 -4.12 -20.89 3.41
N VAL C 216 -3.83 -22.14 3.07
CA VAL C 216 -2.95 -22.43 1.93
C VAL C 216 -3.57 -22.10 0.59
N ARG C 217 -4.85 -22.45 0.43
CA ARG C 217 -5.55 -22.16 -0.78
C ARG C 217 -5.52 -20.65 -1.10
N ALA C 218 -5.69 -19.84 -0.07
CA ALA C 218 -5.64 -18.37 -0.19
C ALA C 218 -4.24 -17.91 -0.46
N ALA C 219 -3.29 -18.42 0.29
CA ALA C 219 -1.93 -17.90 0.20
C ALA C 219 -1.35 -18.01 -1.18
N LEU C 220 -1.65 -19.10 -1.90
CA LEU C 220 -0.90 -19.36 -3.15
C LEU C 220 -1.05 -18.26 -4.18
N PHE C 221 -2.19 -17.60 -4.17
CA PHE C 221 -2.52 -16.62 -5.15
C PHE C 221 -2.36 -15.19 -4.65
N ASN C 222 -2.02 -15.01 -3.38
CA ASN C 222 -1.66 -13.67 -2.88
C ASN C 222 -0.17 -13.40 -3.10
N ARG C 223 0.20 -13.19 -4.36
CA ARG C 223 1.58 -12.93 -4.71
C ARG C 223 1.59 -12.38 -6.12
N ALA C 224 2.75 -11.89 -6.54
CA ALA C 224 2.96 -11.42 -7.90
C ALA C 224 4.34 -11.91 -8.31
N VAL C 225 4.43 -12.51 -9.49
CA VAL C 225 5.68 -12.93 -10.06
C VAL C 225 5.51 -12.98 -11.61
N GLY C 226 6.52 -12.50 -12.33
CA GLY C 226 6.54 -12.40 -13.80
C GLY C 226 7.69 -13.17 -14.35
N HIS C 227 7.39 -14.18 -15.16
CA HIS C 227 8.44 -15.01 -15.76
C HIS C 227 8.59 -14.96 -17.28
N ASP C 228 7.95 -13.98 -17.92
CA ASP C 228 8.13 -13.85 -19.37
C ASP C 228 9.59 -13.76 -19.77
N GLU C 229 10.43 -13.04 -19.02
CA GLU C 229 11.86 -12.94 -19.39
C GLU C 229 12.56 -14.29 -19.35
N LEU C 230 12.17 -15.13 -18.39
CA LEU C 230 12.71 -16.51 -18.35
C LEU C 230 12.21 -17.32 -19.56
N LEU C 231 10.90 -17.27 -19.80
CA LEU C 231 10.36 -18.13 -20.88
C LEU C 231 11.08 -17.86 -22.24
N ARG C 232 11.26 -16.59 -22.59
CA ARG C 232 11.80 -16.26 -23.90
C ARG C 232 13.27 -16.56 -24.00
N ASN C 233 13.90 -16.87 -22.87
CA ASN C 233 15.31 -17.23 -22.82
C ASN C 233 15.61 -18.72 -22.49
N LEU C 234 14.56 -19.52 -22.27
CA LEU C 234 14.78 -20.95 -21.97
C LEU C 234 15.53 -21.69 -23.04
N ASP C 235 16.51 -22.46 -22.60
CA ASP C 235 17.38 -23.17 -23.48
C ASP C 235 16.94 -24.63 -23.64
N ILE C 236 15.83 -25.03 -23.07
CA ILE C 236 15.35 -26.44 -23.19
C ILE C 236 14.05 -26.57 -24.00
N PRO C 237 13.80 -27.75 -24.60
CA PRO C 237 12.48 -27.97 -25.20
C PRO C 237 11.43 -28.01 -24.17
N VAL C 238 10.26 -27.47 -24.47
CA VAL C 238 9.15 -27.48 -23.52
C VAL C 238 7.89 -27.85 -24.30
N LEU C 239 7.11 -28.83 -23.84
CA LEU C 239 5.84 -29.14 -24.47
C LEU C 239 4.74 -28.41 -23.71
N VAL C 240 3.96 -27.64 -24.43
CA VAL C 240 2.77 -27.00 -23.87
C VAL C 240 1.57 -27.88 -24.25
N LEU C 241 0.89 -28.47 -23.26
CA LEU C 241 -0.25 -29.37 -23.51
C LEU C 241 -1.40 -28.74 -22.77
N HIS C 242 -2.46 -28.34 -23.51
CA HIS C 242 -3.48 -27.47 -22.92
C HIS C 242 -4.81 -27.72 -23.59
N GLY C 243 -5.85 -27.81 -22.78
CA GLY C 243 -7.23 -27.99 -23.33
C GLY C 243 -7.77 -26.69 -23.84
N THR C 244 -8.32 -26.67 -25.05
CA THR C 244 -8.84 -25.45 -25.64
C THR C 244 -10.07 -24.88 -24.89
N ASP C 245 -10.76 -25.69 -24.10
CA ASP C 245 -11.87 -25.26 -23.27
C ASP C 245 -11.55 -25.33 -21.76
N ASP C 246 -10.29 -25.11 -21.41
CA ASP C 246 -9.88 -25.08 -20.01
C ASP C 246 -10.54 -23.80 -19.40
N SER C 247 -11.38 -24.00 -18.40
CA SER C 247 -12.06 -22.87 -17.80
C SER C 247 -11.41 -22.47 -16.47
N VAL C 248 -10.29 -23.11 -16.13
CA VAL C 248 -9.54 -22.85 -14.91
C VAL C 248 -8.31 -22.00 -15.30
N VAL C 249 -7.53 -22.48 -16.25
CA VAL C 249 -6.44 -21.66 -16.79
C VAL C 249 -6.68 -21.48 -18.27
N ASP C 250 -6.94 -20.24 -18.69
CA ASP C 250 -7.24 -20.00 -20.12
C ASP C 250 -6.19 -20.53 -21.07
N VAL C 251 -6.64 -21.15 -22.15
CA VAL C 251 -5.72 -21.67 -23.15
C VAL C 251 -4.76 -20.59 -23.65
N SER C 252 -5.19 -19.32 -23.64
CA SER C 252 -4.30 -18.22 -24.04
C SER C 252 -2.98 -18.18 -23.27
N ALA C 253 -3.01 -18.64 -22.01
CA ALA C 253 -1.83 -18.69 -21.18
C ALA C 253 -0.82 -19.66 -21.72
N GLY C 254 -1.28 -20.83 -22.14
CA GLY C 254 -0.43 -21.80 -22.81
C GLY C 254 0.06 -21.35 -24.16
N LYS C 255 -0.81 -20.72 -24.93
CA LYS C 255 -0.41 -20.19 -26.22
C LYS C 255 0.67 -19.10 -26.06
N HIS C 256 0.56 -18.35 -24.97
CA HIS C 256 1.55 -17.33 -24.63
C HIS C 256 2.86 -17.95 -24.33
N ALA C 257 2.85 -19.00 -23.51
CA ALA C 257 4.07 -19.71 -23.24
C ALA C 257 4.70 -20.27 -24.51
N GLU C 258 3.89 -20.90 -25.38
CA GLU C 258 4.45 -21.48 -26.60
C GLU C 258 5.13 -20.38 -27.43
N GLU C 259 4.42 -19.26 -27.51
CA GLU C 259 4.88 -18.19 -28.35
C GLU C 259 6.22 -17.67 -27.84
N LEU C 260 6.42 -17.57 -26.53
CA LEU C 260 7.68 -17.02 -25.99
C LEU C 260 8.82 -18.01 -26.00
N ILE C 261 8.50 -19.29 -25.76
CA ILE C 261 9.56 -20.30 -25.49
C ILE C 261 10.24 -20.67 -26.77
N PRO C 262 11.58 -20.47 -26.87
CA PRO C 262 12.16 -20.74 -28.19
C PRO C 262 12.09 -22.18 -28.70
N LYS C 263 12.17 -23.19 -27.86
CA LYS C 263 12.08 -24.57 -28.35
C LYS C 263 10.77 -25.24 -27.96
N SER C 264 9.67 -24.55 -28.16
CA SER C 264 8.40 -25.04 -27.74
C SER C 264 7.90 -26.08 -28.67
N GLN C 265 7.06 -26.94 -28.13
CA GLN C 265 6.19 -27.79 -28.91
C GLN C 265 4.85 -27.59 -28.27
N ALA C 266 3.80 -27.91 -28.97
CA ALA C 266 2.48 -27.72 -28.35
C ALA C 266 1.49 -28.77 -28.77
N SER C 267 0.55 -29.06 -27.89
CA SER C 267 -0.56 -29.92 -28.20
C SER C 267 -1.80 -29.34 -27.51
N TYR C 268 -2.76 -28.90 -28.32
CA TYR C 268 -3.97 -28.24 -27.85
C TYR C 268 -5.06 -29.24 -27.97
N TRP C 269 -5.62 -29.73 -26.87
CA TRP C 269 -6.64 -30.74 -26.95
C TRP C 269 -8.00 -30.10 -27.13
N VAL C 270 -8.65 -30.36 -28.27
CA VAL C 270 -9.87 -29.64 -28.64
C VAL C 270 -11.01 -30.13 -27.78
N GLY C 271 -11.79 -29.25 -27.19
CA GLY C 271 -12.84 -29.67 -26.27
C GLY C 271 -12.41 -30.00 -24.85
N CYS C 272 -11.11 -30.15 -24.58
CA CYS C 272 -10.64 -30.59 -23.24
C CYS C 272 -10.69 -29.45 -22.25
N ASN C 273 -10.97 -29.77 -20.99
CA ASN C 273 -10.97 -28.76 -19.93
C ASN C 273 -9.59 -28.78 -19.24
N HIS C 274 -9.53 -28.67 -17.90
CA HIS C 274 -8.28 -28.39 -17.18
C HIS C 274 -7.46 -29.64 -16.86
N GLY C 275 -8.02 -30.81 -17.14
CA GLY C 275 -7.43 -32.04 -16.71
C GLY C 275 -7.27 -33.07 -17.83
N PRO C 276 -6.42 -32.82 -18.80
CA PRO C 276 -6.27 -33.78 -19.92
C PRO C 276 -5.86 -35.18 -19.48
N PHE C 277 -5.04 -35.28 -18.42
CA PHE C 277 -4.64 -36.58 -17.94
C PHE C 277 -5.83 -37.40 -17.40
N VAL C 278 -6.87 -36.70 -16.97
CA VAL C 278 -8.09 -37.36 -16.51
C VAL C 278 -9.02 -37.66 -17.70
N GLU C 279 -9.12 -36.72 -18.63
CA GLU C 279 -10.02 -36.88 -19.80
C GLU C 279 -9.57 -38.03 -20.70
N ASP C 280 -8.26 -38.11 -20.95
CA ASP C 280 -7.72 -39.17 -21.77
C ASP C 280 -6.36 -39.67 -21.31
N PRO C 281 -6.34 -40.59 -20.37
CA PRO C 281 -5.06 -40.96 -19.75
C PRO C 281 -4.06 -41.52 -20.73
N THR C 282 -4.56 -42.33 -21.65
CA THR C 282 -3.71 -42.99 -22.61
C THR C 282 -3.10 -42.02 -23.58
N ARG C 283 -3.90 -41.07 -24.08
CA ARG C 283 -3.38 -40.04 -24.98
C ARG C 283 -2.41 -39.11 -24.23
N PHE C 284 -2.77 -38.71 -23.00
CA PHE C 284 -1.84 -37.87 -22.19
C PHE C 284 -0.45 -38.58 -22.06
N VAL C 285 -0.46 -39.84 -21.68
CA VAL C 285 0.82 -40.56 -21.49
C VAL C 285 1.58 -40.75 -22.80
N SER C 286 0.82 -41.00 -23.85
CA SER C 286 1.29 -41.09 -25.18
C SER C 286 2.00 -39.85 -25.70
N GLU C 287 1.42 -38.71 -25.49
CA GLU C 287 2.04 -37.44 -25.95
C GLU C 287 3.27 -37.09 -25.10
N VAL C 288 3.22 -37.40 -23.82
CA VAL C 288 4.36 -37.13 -22.91
C VAL C 288 5.54 -37.99 -23.35
N ARG C 289 5.28 -39.27 -23.56
CA ARG C 289 6.32 -40.19 -24.02
C ARG C 289 6.95 -39.75 -25.32
N THR C 290 6.10 -39.39 -26.30
CA THR C 290 6.62 -38.98 -27.59
C THR C 290 7.53 -37.75 -27.38
N PHE C 291 7.11 -36.85 -26.52
CA PHE C 291 7.92 -35.68 -26.27
C PHE C 291 9.27 -36.04 -25.65
N ILE C 292 9.22 -36.85 -24.59
CA ILE C 292 10.43 -37.21 -23.89
C ILE C 292 11.35 -37.94 -24.84
N SER C 293 10.84 -38.87 -25.63
CA SER C 293 11.71 -39.69 -26.43
C SER C 293 12.32 -38.90 -27.61
N SER C 294 11.68 -37.79 -28.01
CA SER C 294 12.21 -36.90 -29.06
C SER C 294 13.39 -36.03 -28.65
N LEU C 295 13.64 -35.93 -27.33
CA LEU C 295 14.80 -35.21 -26.82
C LEU C 295 16.07 -36.05 -27.14
N GLY C 296 16.92 -35.55 -28.02
CA GLY C 296 18.06 -36.35 -28.49
C GLY C 296 19.09 -35.53 -29.21
#